data_5X9G
#
_entry.id   5X9G
#
_cell.length_a   138.317
_cell.length_b   106.672
_cell.length_c   90.170
_cell.angle_alpha   90.00
_cell.angle_beta   90.00
_cell.angle_gamma   90.00
#
_symmetry.space_group_name_H-M   'P 21 21 21'
#
loop_
_entity.id
_entity.type
_entity.pdbx_description
1 polymer 'Magnesium transporter MgtE'
2 non-polymer "ADENOSINE-5'-TRIPHOSPHATE"
3 non-polymer 'MAGNESIUM ION'
#
_entity_poly.entity_id   1
_entity_poly.type   'polypeptide(L)'
_entity_poly.pdbx_seq_one_letter_code
;GSHMEEKLAVSLQEALQEGDTRALREVLEEIHPQDLLALWDELKGEHRYVVLTLLPKAKAAEVLSHLSPEEQAEYLKTLP
PWRLREILEELSLDDLADALQAVRKEDPAYFQRLKDLLDPRTRAEVEALARYEEDEAGGLMTPEYVAVREGMTVEEVLRF
LRRAAPDAETIYYIYVVDEKGRLKGVLSLRDLIVADPRTRVAEIMNPKVVYVRTDTDQEEVARLMADYDFTVLPVVDEEG
RLVGIVTVDDVLDVLEAEATEDIHKLGAVDVPDLVYSE
;
_entity_poly.pdbx_strand_id   A,B,C,D
#
# COMPACT_ATOMS: atom_id res chain seq x y z
N LEU A 8 43.28 7.84 -7.32
CA LEU A 8 42.69 7.24 -6.13
C LEU A 8 41.28 7.79 -5.86
N ALA A 9 41.20 8.73 -4.93
CA ALA A 9 39.97 9.47 -4.68
C ALA A 9 39.54 10.22 -5.92
N VAL A 10 40.51 10.84 -6.59
CA VAL A 10 40.27 11.58 -7.82
C VAL A 10 39.86 10.64 -8.93
N SER A 11 40.26 9.38 -8.80
CA SER A 11 39.91 8.36 -9.78
C SER A 11 38.38 8.22 -9.88
N LEU A 12 37.68 8.48 -8.77
CA LEU A 12 36.22 8.48 -8.75
C LEU A 12 35.60 9.49 -9.68
N GLN A 13 36.04 10.75 -9.58
CA GLN A 13 35.47 11.80 -10.41
C GLN A 13 35.73 11.49 -11.89
N GLU A 14 36.83 10.80 -12.17
CA GLU A 14 37.12 10.40 -13.55
C GLU A 14 35.93 9.59 -14.06
N ALA A 15 35.51 8.58 -13.30
CA ALA A 15 34.42 7.69 -13.72
C ALA A 15 33.07 8.38 -13.86
N LEU A 16 32.81 9.36 -13.00
CA LEU A 16 31.58 10.15 -13.11
C LEU A 16 31.58 10.85 -14.45
N GLN A 17 32.70 11.51 -14.74
CA GLN A 17 32.88 12.26 -15.97
C GLN A 17 32.89 11.33 -17.18
N GLU A 18 33.42 10.11 -16.99
CA GLU A 18 33.46 9.14 -18.09
C GLU A 18 32.05 8.93 -18.63
N GLY A 19 31.07 9.09 -17.76
CA GLY A 19 29.67 8.84 -18.06
C GLY A 19 29.45 7.34 -18.22
N ASP A 20 30.55 6.64 -18.45
CA ASP A 20 30.51 5.22 -18.73
C ASP A 20 30.53 4.46 -17.43
N THR A 21 29.53 3.58 -17.30
CA THR A 21 29.26 2.86 -16.07
C THR A 21 30.34 1.90 -15.59
N ARG A 22 31.01 1.20 -16.52
CA ARG A 22 31.93 0.14 -16.12
C ARG A 22 33.13 0.73 -15.38
N ALA A 23 33.62 1.88 -15.87
CA ALA A 23 34.77 2.54 -15.24
C ALA A 23 34.42 2.89 -13.81
N LEU A 24 33.16 3.28 -13.59
CA LEU A 24 32.64 3.63 -12.28
C LEU A 24 32.34 2.45 -11.36
N ARG A 25 31.83 1.35 -11.89
CA ARG A 25 31.49 0.20 -11.05
C ARG A 25 32.75 -0.40 -10.44
N GLU A 26 33.88 -0.16 -11.11
CA GLU A 26 35.18 -0.69 -10.69
C GLU A 26 35.66 0.09 -9.49
N VAL A 27 35.35 1.38 -9.51
CA VAL A 27 35.76 2.28 -8.47
C VAL A 27 34.90 2.03 -7.24
N LEU A 28 33.60 1.99 -7.46
CA LEU A 28 32.67 1.82 -6.37
C LEU A 28 32.87 0.48 -5.72
N GLU A 29 33.34 -0.49 -6.50
CA GLU A 29 33.45 -1.82 -5.95
C GLU A 29 34.63 -1.94 -5.00
N GLU A 30 35.57 -1.00 -5.08
CA GLU A 30 36.69 -1.05 -4.16
C GLU A 30 36.89 0.18 -3.26
N ILE A 31 36.06 1.20 -3.42
CA ILE A 31 36.14 2.36 -2.53
C ILE A 31 35.58 2.03 -1.15
N HIS A 32 36.26 2.49 -0.10
CA HIS A 32 35.71 2.32 1.24
C HIS A 32 34.67 3.38 1.57
N PRO A 33 33.56 2.98 2.24
CA PRO A 33 32.46 3.87 2.60
C PRO A 33 32.93 5.18 3.21
N GLN A 34 33.92 5.08 4.08
CA GLN A 34 34.42 6.26 4.73
C GLN A 34 35.13 7.17 3.74
N ASP A 35 35.82 6.60 2.76
CA ASP A 35 36.46 7.45 1.77
C ASP A 35 35.40 8.10 0.87
N LEU A 36 34.22 7.48 0.79
CA LEU A 36 33.09 8.03 0.03
C LEU A 36 32.36 9.07 0.86
N LEU A 37 32.24 8.79 2.16
CA LEU A 37 31.62 9.70 3.11
C LEU A 37 32.39 11.01 3.23
N ALA A 38 33.70 10.89 3.17
CA ALA A 38 34.58 12.03 3.31
C ALA A 38 34.29 13.05 2.22
N LEU A 39 34.23 12.57 0.99
CA LEU A 39 33.96 13.40 -0.18
C LEU A 39 32.48 13.56 -0.55
N TRP A 40 31.58 13.31 0.40
CA TRP A 40 30.17 13.20 0.04
C TRP A 40 29.47 14.49 -0.39
N ASP A 41 29.88 15.63 0.13
CA ASP A 41 29.21 16.87 -0.25
C ASP A 41 30.13 17.78 -1.05
N GLU A 42 30.97 17.15 -1.86
CA GLU A 42 31.53 17.79 -3.04
C GLU A 42 30.80 17.16 -4.23
N LEU A 43 29.69 16.50 -3.93
CA LEU A 43 28.94 15.78 -4.95
C LEU A 43 27.62 16.43 -5.25
N LYS A 44 27.21 16.36 -6.50
CA LYS A 44 25.98 17.01 -6.91
C LYS A 44 24.95 15.94 -7.06
N GLY A 45 23.69 16.36 -7.14
CA GLY A 45 22.59 15.43 -7.20
C GLY A 45 22.77 14.32 -8.20
N GLU A 46 23.12 14.67 -9.43
CA GLU A 46 23.25 13.62 -10.43
C GLU A 46 24.34 12.63 -10.05
N HIS A 47 25.41 13.12 -9.43
CA HIS A 47 26.46 12.20 -9.01
C HIS A 47 26.00 11.28 -7.88
N ARG A 48 25.55 11.86 -6.77
CA ARG A 48 25.13 11.05 -5.62
C ARG A 48 24.10 10.02 -6.03
N TYR A 49 23.20 10.41 -6.91
CA TYR A 49 22.22 9.46 -7.37
C TYR A 49 22.99 8.28 -7.98
N VAL A 50 23.86 8.56 -8.93
CA VAL A 50 24.56 7.51 -9.66
C VAL A 50 25.44 6.68 -8.71
N VAL A 51 26.10 7.34 -7.77
CA VAL A 51 26.87 6.57 -6.81
C VAL A 51 25.94 5.64 -6.05
N LEU A 52 24.75 6.12 -5.73
CA LEU A 52 23.83 5.25 -5.02
C LEU A 52 23.09 4.33 -5.98
N THR A 53 23.13 4.64 -7.28
CA THR A 53 22.51 3.73 -8.21
C THR A 53 23.35 2.45 -8.27
N LEU A 54 24.67 2.61 -8.15
CA LEU A 54 25.62 1.52 -8.43
C LEU A 54 26.51 1.06 -7.29
N LEU A 55 26.50 1.77 -6.17
CA LEU A 55 27.22 1.28 -5.01
C LEU A 55 26.54 0.05 -4.42
N PRO A 56 27.28 -1.07 -4.34
CA PRO A 56 26.80 -2.35 -3.80
C PRO A 56 26.15 -2.15 -2.43
N LYS A 57 25.04 -2.87 -2.22
CA LYS A 57 24.09 -2.58 -1.14
C LYS A 57 24.65 -2.52 0.27
N ALA A 58 25.64 -3.31 0.61
CA ALA A 58 26.21 -3.19 1.95
C ALA A 58 26.85 -1.81 2.12
N LYS A 59 27.59 -1.37 1.09
CA LYS A 59 28.25 -0.06 1.13
C LYS A 59 27.23 1.07 1.01
N ALA A 60 26.22 0.84 0.17
CA ALA A 60 25.16 1.80 -0.02
C ALA A 60 24.47 2.04 1.32
N ALA A 61 24.21 0.94 2.02
CA ALA A 61 23.63 0.99 3.37
C ALA A 61 24.60 1.59 4.37
N GLU A 62 25.89 1.30 4.20
CA GLU A 62 26.89 1.83 5.13
C GLU A 62 26.95 3.36 5.07
N VAL A 63 26.96 3.91 3.87
CA VAL A 63 27.01 5.34 3.72
C VAL A 63 25.76 5.99 4.31
N LEU A 64 24.60 5.49 3.94
CA LEU A 64 23.36 6.02 4.48
C LEU A 64 23.38 6.14 6.00
N SER A 65 23.95 5.11 6.62
CA SER A 65 23.98 4.98 8.06
C SER A 65 24.82 6.03 8.73
N HIS A 66 25.76 6.61 8.01
CA HIS A 66 26.63 7.63 8.60
C HIS A 66 26.26 9.04 8.15
N LEU A 67 25.24 9.14 7.30
CA LEU A 67 24.76 10.45 6.90
C LEU A 67 23.94 11.08 7.98
N SER A 68 23.82 12.39 7.86
CA SER A 68 23.03 13.17 8.79
C SER A 68 21.60 12.72 8.61
N PRO A 69 20.81 12.79 9.70
CA PRO A 69 19.40 12.41 9.59
C PRO A 69 18.71 13.15 8.44
N GLU A 70 19.13 14.38 8.14
CA GLU A 70 18.54 15.12 7.03
C GLU A 70 18.90 14.53 5.70
N GLU A 71 20.15 14.14 5.51
CA GLU A 71 20.48 13.56 4.22
C GLU A 71 20.01 12.12 4.14
N GLN A 72 19.94 11.47 5.29
CA GLN A 72 19.38 10.13 5.34
C GLN A 72 17.99 10.18 4.77
N ALA A 73 17.24 11.14 5.27
CA ALA A 73 15.85 11.32 4.91
C ALA A 73 15.76 11.68 3.45
N GLU A 74 16.69 12.50 3.00
CA GLU A 74 16.68 12.91 1.62
C GLU A 74 17.02 11.76 0.66
N TYR A 75 18.12 11.06 0.93
CA TYR A 75 18.61 10.00 0.03
C TYR A 75 17.79 8.74 0.03
N LEU A 76 17.03 8.52 1.09
CA LEU A 76 16.02 7.46 1.06
C LEU A 76 14.88 7.86 0.12
N LYS A 77 14.91 9.09 -0.38
CA LYS A 77 13.93 9.57 -1.33
C LYS A 77 14.50 9.75 -2.77
N THR A 78 15.81 9.80 -2.91
CA THR A 78 16.41 9.97 -4.22
C THR A 78 16.63 8.60 -4.89
N LEU A 79 17.09 7.61 -4.12
CA LEU A 79 17.37 6.28 -4.63
C LEU A 79 16.15 5.68 -5.26
N PRO A 80 16.35 4.83 -6.26
CA PRO A 80 15.20 4.22 -6.95
C PRO A 80 14.60 3.16 -6.09
N PRO A 81 13.27 3.00 -6.10
CA PRO A 81 12.63 2.06 -5.16
C PRO A 81 13.20 0.63 -5.16
N TRP A 82 13.70 0.14 -6.29
CA TRP A 82 14.24 -1.22 -6.32
C TRP A 82 15.47 -1.34 -5.46
N ARG A 83 16.04 -0.19 -5.16
CA ARG A 83 17.19 -0.11 -4.29
C ARG A 83 16.76 0.05 -2.81
N LEU A 84 15.61 0.67 -2.59
CA LEU A 84 15.08 0.91 -1.25
C LEU A 84 14.98 -0.33 -0.40
N ARG A 85 14.25 -1.31 -0.92
CA ARG A 85 13.99 -2.53 -0.16
C ARG A 85 15.32 -3.19 0.17
N GLU A 86 16.28 -3.14 -0.75
CA GLU A 86 17.66 -3.62 -0.47
C GLU A 86 18.33 -2.92 0.71
N ILE A 87 18.42 -1.59 0.62
CA ILE A 87 19.10 -0.79 1.61
C ILE A 87 18.41 -0.92 2.97
N LEU A 88 17.08 -0.87 2.99
CA LEU A 88 16.34 -1.01 4.25
C LEU A 88 16.57 -2.39 4.89
N GLU A 89 16.67 -3.43 4.06
CA GLU A 89 16.92 -4.73 4.61
C GLU A 89 18.40 -4.93 4.93
N GLU A 90 19.26 -4.11 4.33
CA GLU A 90 20.70 -4.27 4.59
C GLU A 90 21.18 -3.52 5.83
N LEU A 91 20.47 -2.48 6.23
CA LEU A 91 20.76 -1.78 7.46
C LEU A 91 20.69 -2.69 8.67
N SER A 92 21.60 -2.45 9.62
CA SER A 92 21.49 -3.01 10.98
C SER A 92 20.23 -2.44 11.63
N LEU A 93 19.58 -3.20 12.49
CA LEU A 93 18.28 -2.77 13.04
C LEU A 93 18.33 -1.48 13.82
N ASP A 94 19.43 -1.24 14.53
CA ASP A 94 19.61 0.01 15.28
C ASP A 94 19.62 1.18 14.30
N ASP A 95 20.38 1.02 13.22
CA ASP A 95 20.50 2.07 12.23
C ASP A 95 19.24 2.30 11.44
N LEU A 96 18.56 1.20 11.09
CA LEU A 96 17.30 1.28 10.36
C LEU A 96 16.30 2.07 11.22
N ALA A 97 16.21 1.73 12.51
CA ALA A 97 15.33 2.48 13.40
C ALA A 97 15.72 3.97 13.40
N ASP A 98 17.01 4.27 13.48
CA ASP A 98 17.43 5.66 13.44
C ASP A 98 17.02 6.32 12.12
N ALA A 99 17.23 5.60 11.01
CA ALA A 99 16.96 6.17 9.70
C ALA A 99 15.46 6.43 9.50
N LEU A 100 14.63 5.49 9.89
CA LEU A 100 13.19 5.69 9.77
C LEU A 100 12.69 6.87 10.61
N GLN A 101 13.25 7.05 11.80
CA GLN A 101 12.85 8.20 12.62
C GLN A 101 13.21 9.49 11.91
N ALA A 102 14.41 9.52 11.32
CA ALA A 102 14.88 10.69 10.56
C ALA A 102 13.86 11.08 9.50
N VAL A 103 13.30 10.08 8.83
CA VAL A 103 12.26 10.26 7.81
C VAL A 103 10.93 10.74 8.41
N ARG A 104 10.55 10.17 9.54
CA ARG A 104 9.27 10.50 10.16
C ARG A 104 9.21 11.94 10.66
N LYS A 105 10.37 12.48 11.06
CA LYS A 105 10.48 13.85 11.53
C LYS A 105 10.20 14.85 10.38
N GLU A 106 10.54 14.48 9.16
CA GLU A 106 10.32 15.35 8.01
C GLU A 106 9.06 14.97 7.21
N ASP A 107 8.78 13.68 7.11
CA ASP A 107 7.75 13.25 6.22
C ASP A 107 7.11 11.99 6.73
N PRO A 108 6.12 12.16 7.60
CA PRO A 108 5.44 11.00 8.16
C PRO A 108 4.70 10.17 7.12
N ALA A 109 4.26 10.76 6.02
CA ALA A 109 3.63 9.97 4.96
C ALA A 109 4.63 8.96 4.39
N TYR A 110 5.80 9.46 4.02
CA TYR A 110 6.79 8.61 3.43
C TYR A 110 7.36 7.65 4.46
N PHE A 111 7.43 8.12 5.71
CA PHE A 111 7.81 7.24 6.80
C PHE A 111 6.95 5.99 6.80
N GLN A 112 5.66 6.16 6.56
CA GLN A 112 4.73 5.04 6.52
C GLN A 112 4.92 4.11 5.32
N ARG A 113 5.17 4.67 4.15
CA ARG A 113 5.35 3.88 2.93
C ARG A 113 6.59 3.02 3.05
N LEU A 114 7.63 3.56 3.64
CA LEU A 114 8.87 2.80 3.81
C LEU A 114 8.64 1.56 4.63
N LYS A 115 7.94 1.73 5.74
CA LYS A 115 7.67 0.61 6.62
C LYS A 115 6.88 -0.47 5.89
N ASP A 116 6.00 -0.06 4.97
CA ASP A 116 5.29 -1.04 4.15
C ASP A 116 6.27 -1.87 3.32
N LEU A 117 7.38 -1.27 2.90
CA LEU A 117 8.39 -2.01 2.12
C LEU A 117 9.08 -3.04 2.98
N LEU A 118 9.00 -2.87 4.30
CA LEU A 118 9.75 -3.76 5.14
C LEU A 118 9.09 -5.13 5.18
N ASP A 119 9.94 -6.14 5.25
CA ASP A 119 9.51 -7.50 5.58
C ASP A 119 8.91 -7.49 6.96
N PRO A 120 7.88 -8.33 7.18
CA PRO A 120 7.16 -8.36 8.45
C PRO A 120 8.06 -8.55 9.69
N ARG A 121 9.11 -9.37 9.65
CA ARG A 121 9.90 -9.54 10.88
C ARG A 121 10.72 -8.31 11.03
N THR A 122 11.24 -7.81 9.92
CA THR A 122 11.99 -6.57 10.01
C THR A 122 11.08 -5.44 10.53
N ARG A 123 9.82 -5.36 10.06
CA ARG A 123 8.92 -4.32 10.54
C ARG A 123 8.62 -4.53 12.00
N ALA A 124 8.46 -5.79 12.39
CA ALA A 124 8.18 -6.16 13.75
C ALA A 124 9.29 -5.65 14.66
N GLU A 125 10.51 -6.00 14.29
CA GLU A 125 11.67 -5.63 15.06
C GLU A 125 11.87 -4.13 15.18
N VAL A 126 11.86 -3.44 14.03
CA VAL A 126 12.09 -2.00 14.00
C VAL A 126 11.02 -1.26 14.78
N GLU A 127 9.77 -1.66 14.64
CA GLU A 127 8.69 -1.02 15.39
C GLU A 127 8.88 -1.16 16.89
N ALA A 128 9.45 -2.29 17.28
CA ALA A 128 9.79 -2.52 18.68
C ALA A 128 10.85 -1.50 19.13
N LEU A 129 11.90 -1.32 18.33
CA LEU A 129 12.97 -0.37 18.66
C LEU A 129 12.51 1.08 18.64
N ALA A 130 11.52 1.38 17.80
CA ALA A 130 11.06 2.74 17.64
C ALA A 130 10.34 3.21 18.88
N ARG A 131 9.84 2.29 19.70
CA ARG A 131 9.12 2.73 20.88
C ARG A 131 10.04 3.34 21.93
N TYR A 132 11.32 3.01 21.88
CA TYR A 132 12.25 3.51 22.91
C TYR A 132 12.76 4.89 22.54
N GLU A 133 13.12 5.66 23.56
CA GLU A 133 13.59 7.03 23.38
C GLU A 133 14.94 7.05 22.67
N GLU A 134 15.13 7.98 21.74
CA GLU A 134 16.35 7.95 20.95
C GLU A 134 17.63 8.12 21.79
N ASP A 135 17.52 8.75 22.97
CA ASP A 135 18.70 8.97 23.83
C ASP A 135 18.76 8.03 25.05
N GLU A 136 18.11 6.87 24.95
CA GLU A 136 18.25 5.85 25.98
C GLU A 136 18.75 4.54 25.38
N ALA A 137 18.96 3.56 26.25
CA ALA A 137 19.57 2.30 25.87
C ALA A 137 18.82 1.61 24.73
N GLY A 138 17.49 1.67 24.77
CA GLY A 138 16.63 1.12 23.74
C GLY A 138 16.82 1.80 22.39
N GLY A 139 17.06 3.10 22.40
CA GLY A 139 17.29 3.84 21.17
C GLY A 139 18.63 3.50 20.52
N LEU A 140 19.50 2.83 21.29
CA LEU A 140 20.84 2.50 20.83
C LEU A 140 21.07 1.02 20.55
N MET A 141 20.31 0.18 21.25
CA MET A 141 20.53 -1.26 21.22
C MET A 141 20.08 -1.86 19.91
N THR A 142 20.54 -3.09 19.66
CA THR A 142 20.09 -3.86 18.53
C THR A 142 19.75 -5.23 19.06
N PRO A 143 18.69 -5.84 18.53
CA PRO A 143 18.34 -7.16 19.05
C PRO A 143 19.17 -8.24 18.41
N GLU A 144 20.02 -7.87 17.46
CA GLU A 144 20.78 -8.87 16.73
C GLU A 144 21.98 -9.31 17.56
N TYR A 145 21.73 -9.93 18.72
CA TYR A 145 22.79 -10.48 19.58
C TYR A 145 22.66 -12.00 19.67
N VAL A 146 23.67 -12.66 20.20
CA VAL A 146 23.63 -14.12 20.28
C VAL A 146 23.42 -14.56 21.72
N ALA A 147 22.32 -15.27 21.97
CA ALA A 147 22.07 -15.73 23.32
C ALA A 147 22.03 -17.24 23.36
N VAL A 148 22.51 -17.78 24.47
CA VAL A 148 22.58 -19.22 24.63
C VAL A 148 22.15 -19.62 26.02
N ARG A 149 22.04 -20.94 26.19
CA ARG A 149 21.64 -21.53 27.44
C ARG A 149 22.81 -22.07 28.21
N GLU A 150 22.61 -22.29 29.51
CA GLU A 150 23.73 -22.65 30.36
C GLU A 150 24.17 -24.09 30.12
N GLY A 151 23.24 -24.90 29.67
CA GLY A 151 23.52 -26.32 29.50
C GLY A 151 24.27 -26.65 28.23
N MET A 152 24.32 -25.72 27.29
CA MET A 152 25.02 -25.99 26.04
C MET A 152 26.49 -26.15 26.33
N THR A 153 27.14 -26.96 25.52
CA THR A 153 28.55 -27.15 25.69
C THR A 153 29.32 -26.15 24.83
N VAL A 154 30.62 -26.01 25.05
CA VAL A 154 31.43 -25.11 24.25
C VAL A 154 31.30 -25.56 22.80
N GLU A 155 31.26 -26.87 22.58
CA GLU A 155 31.18 -27.39 21.21
C GLU A 155 29.94 -26.98 20.50
N GLU A 156 28.82 -27.00 21.20
CA GLU A 156 27.56 -26.71 20.54
C GLU A 156 27.49 -25.23 20.15
N VAL A 157 27.98 -24.37 21.04
CA VAL A 157 27.91 -22.94 20.82
C VAL A 157 28.75 -22.53 19.62
N LEU A 158 29.95 -23.08 19.52
CA LEU A 158 30.84 -22.81 18.40
C LEU A 158 30.18 -23.20 17.09
N ARG A 159 29.52 -24.35 17.06
CA ARG A 159 28.70 -24.71 15.89
C ARG A 159 27.56 -23.71 15.71
N PHE A 160 27.02 -23.21 16.82
CA PHE A 160 25.89 -22.31 16.77
C PHE A 160 26.28 -20.99 16.14
N LEU A 161 27.41 -20.44 16.60
CA LEU A 161 27.92 -19.16 16.13
C LEU A 161 28.17 -19.15 14.63
N ARG A 162 28.41 -20.30 14.03
CA ARG A 162 28.73 -20.32 12.61
C ARG A 162 27.46 -20.15 11.73
N ARG A 163 26.28 -20.09 12.34
CA ARG A 163 25.08 -19.83 11.56
C ARG A 163 24.37 -18.63 12.18
N ALA A 164 24.92 -18.13 13.28
CA ALA A 164 24.41 -16.93 13.93
C ALA A 164 25.11 -15.68 13.44
N ALA A 165 26.38 -15.84 13.08
CA ALA A 165 27.22 -14.73 12.65
C ALA A 165 26.68 -13.84 11.53
N PRO A 166 26.13 -14.41 10.43
CA PRO A 166 25.75 -13.54 9.30
C PRO A 166 24.91 -12.33 9.70
N ASP A 167 24.09 -12.47 10.73
CA ASP A 167 23.16 -11.42 11.06
C ASP A 167 23.49 -10.79 12.41
N ALA A 168 24.33 -11.45 13.19
CA ALA A 168 24.66 -10.95 14.52
C ALA A 168 25.43 -9.65 14.45
N GLU A 169 25.16 -8.75 15.39
CA GLU A 169 25.92 -7.51 15.43
C GLU A 169 27.32 -7.89 15.78
N THR A 170 27.43 -8.64 16.87
CA THR A 170 28.71 -9.15 17.32
C THR A 170 28.57 -10.54 17.93
N ILE A 171 29.63 -11.33 17.76
CA ILE A 171 29.67 -12.68 18.29
C ILE A 171 30.84 -12.86 19.25
N TYR A 172 31.57 -11.78 19.54
CA TYR A 172 32.71 -11.92 20.45
C TYR A 172 32.17 -12.04 21.88
N TYR A 173 30.95 -11.55 22.13
CA TYR A 173 30.35 -11.79 23.42
C TYR A 173 29.05 -12.56 23.26
N ILE A 174 28.95 -13.69 23.97
CA ILE A 174 27.78 -14.53 23.87
C ILE A 174 27.05 -14.50 25.20
N TYR A 175 25.76 -14.21 25.13
CA TYR A 175 25.00 -13.97 26.35
C TYR A 175 24.15 -15.16 26.76
N VAL A 176 23.90 -15.29 28.06
CA VAL A 176 23.21 -16.46 28.60
C VAL A 176 21.93 -16.16 29.30
N VAL A 177 20.84 -16.71 28.77
CA VAL A 177 19.53 -16.58 29.40
C VAL A 177 18.92 -17.93 29.76
N ASP A 178 17.84 -17.89 30.55
CA ASP A 178 17.19 -19.12 30.99
C ASP A 178 15.92 -19.49 30.21
N GLU A 179 15.15 -20.42 30.76
CA GLU A 179 13.87 -20.87 30.20
C GLU A 179 12.98 -19.68 29.81
N LYS A 180 12.94 -18.66 30.68
CA LYS A 180 12.14 -17.46 30.47
C LYS A 180 12.88 -16.33 29.76
N GLY A 181 14.16 -16.52 29.47
CA GLY A 181 14.88 -15.59 28.65
C GLY A 181 15.43 -14.39 29.39
N ARG A 182 15.43 -14.47 30.70
CA ARG A 182 16.04 -13.44 31.52
C ARG A 182 17.55 -13.65 31.65
N LEU A 183 18.29 -12.54 31.64
CA LEU A 183 19.75 -12.58 31.64
C LEU A 183 20.36 -13.29 32.87
N LYS A 184 21.25 -14.24 32.62
CA LYS A 184 21.91 -14.97 33.72
C LYS A 184 23.44 -15.03 33.65
N GLY A 185 24.01 -14.77 32.48
CA GLY A 185 25.46 -14.82 32.37
C GLY A 185 26.04 -14.39 31.05
N VAL A 186 27.36 -14.17 31.04
CA VAL A 186 28.06 -13.72 29.85
C VAL A 186 29.42 -14.42 29.64
N LEU A 187 29.77 -14.67 28.40
CA LEU A 187 31.08 -15.22 28.13
C LEU A 187 31.59 -14.69 26.79
N SER A 188 32.90 -14.63 26.63
CA SER A 188 33.49 -14.07 25.42
C SER A 188 33.82 -15.18 24.45
N LEU A 189 34.00 -14.82 23.19
CA LEU A 189 34.42 -15.79 22.17
C LEU A 189 35.79 -16.42 22.46
N ARG A 190 36.68 -15.65 23.08
CA ARG A 190 38.00 -16.13 23.45
C ARG A 190 37.86 -17.16 24.57
N ASP A 191 36.90 -16.94 25.47
CA ASP A 191 36.64 -17.91 26.54
C ASP A 191 36.23 -19.26 25.98
N LEU A 192 35.39 -19.25 24.95
CA LEU A 192 34.97 -20.46 24.26
C LEU A 192 36.12 -21.17 23.58
N ILE A 193 37.03 -20.40 22.98
CA ILE A 193 38.12 -21.01 22.24
C ILE A 193 39.15 -21.64 23.16
N VAL A 194 39.47 -20.97 24.26
CA VAL A 194 40.45 -21.52 25.17
C VAL A 194 39.93 -22.77 25.88
N ALA A 195 38.61 -22.85 26.06
CA ALA A 195 37.98 -23.89 26.89
C ALA A 195 37.76 -25.23 26.19
N ASP A 196 37.51 -26.27 26.98
CA ASP A 196 37.32 -27.63 26.43
C ASP A 196 35.98 -27.79 25.72
N PRO A 197 36.01 -28.33 24.48
CA PRO A 197 34.83 -28.46 23.63
C PRO A 197 33.67 -29.17 24.33
N ARG A 198 33.95 -29.92 25.39
CA ARG A 198 32.86 -30.57 26.10
C ARG A 198 32.46 -29.85 27.38
N THR A 199 33.14 -28.76 27.71
CA THR A 199 32.77 -27.95 28.87
C THR A 199 31.45 -27.23 28.67
N ARG A 200 30.59 -27.26 29.68
CA ARG A 200 29.30 -26.61 29.64
C ARG A 200 29.46 -25.09 29.81
N VAL A 201 28.56 -24.32 29.20
CA VAL A 201 28.61 -22.86 29.27
C VAL A 201 28.47 -22.36 30.71
N ALA A 202 27.65 -23.04 31.51
CA ALA A 202 27.36 -22.58 32.87
C ALA A 202 28.64 -22.53 33.74
N GLU A 203 29.72 -23.09 33.24
CA GLU A 203 30.95 -23.16 34.02
C GLU A 203 32.07 -22.25 33.48
N ILE A 204 31.81 -21.51 32.41
CA ILE A 204 32.79 -20.57 31.86
C ILE A 204 32.27 -19.16 31.98
N MET A 205 30.96 -19.09 32.00
CA MET A 205 30.29 -17.83 32.00
C MET A 205 30.55 -17.09 33.31
N ASN A 206 30.54 -15.78 33.18
CA ASN A 206 30.63 -14.87 34.30
C ASN A 206 29.23 -14.49 34.64
N PRO A 207 28.74 -14.98 35.79
CA PRO A 207 27.39 -14.75 36.28
C PRO A 207 27.24 -13.30 36.70
N LYS A 208 28.37 -12.65 37.01
CA LYS A 208 28.38 -11.27 37.44
C LYS A 208 28.29 -10.34 36.23
N VAL A 209 27.08 -10.26 35.65
CA VAL A 209 26.89 -9.49 34.42
C VAL A 209 26.60 -8.04 34.72
N VAL A 210 27.29 -7.13 34.03
CA VAL A 210 26.91 -5.73 34.11
C VAL A 210 25.92 -5.38 32.99
N TYR A 211 24.75 -4.90 33.41
CA TYR A 211 23.66 -4.66 32.48
C TYR A 211 23.11 -3.25 32.57
N VAL A 212 22.22 -2.95 31.65
CA VAL A 212 21.67 -1.63 31.47
C VAL A 212 20.20 -1.84 31.09
N ARG A 213 19.27 -1.06 31.63
CA ARG A 213 17.87 -1.25 31.28
C ARG A 213 17.54 -0.37 30.08
N THR A 214 16.43 -0.64 29.40
CA THR A 214 16.09 0.09 28.19
C THR A 214 15.94 1.58 28.41
N ASP A 215 15.51 2.01 29.60
CA ASP A 215 15.35 3.43 29.89
C ASP A 215 16.65 4.17 30.34
N THR A 216 17.77 3.47 30.48
CA THR A 216 19.06 4.07 30.89
C THR A 216 19.59 5.16 29.92
N ASP A 217 20.02 6.33 30.42
CA ASP A 217 20.47 7.43 29.52
C ASP A 217 21.75 7.04 28.83
N GLN A 218 21.96 7.56 27.62
CA GLN A 218 23.14 7.17 26.86
C GLN A 218 24.42 7.44 27.60
N GLU A 219 24.45 8.48 28.40
CA GLU A 219 25.69 8.86 29.04
C GLU A 219 26.10 7.84 30.08
N GLU A 220 25.10 7.19 30.66
CA GLU A 220 25.36 6.14 31.63
C GLU A 220 25.90 4.88 30.95
N VAL A 221 25.36 4.55 29.79
CA VAL A 221 25.87 3.49 28.95
C VAL A 221 27.34 3.72 28.58
N ALA A 222 27.68 5.00 28.44
CA ALA A 222 29.06 5.41 28.15
C ALA A 222 29.90 5.30 29.40
N ARG A 223 29.37 5.81 30.52
CA ARG A 223 30.08 5.75 31.81
C ARG A 223 30.44 4.32 32.13
N LEU A 224 29.43 3.47 31.99
CA LEU A 224 29.54 2.08 32.33
C LEU A 224 30.47 1.33 31.37
N MET A 225 30.45 1.70 30.10
CA MET A 225 31.28 1.06 29.07
C MET A 225 32.76 1.37 29.26
N ALA A 226 33.03 2.59 29.74
CA ALA A 226 34.40 3.09 29.87
C ALA A 226 35.11 2.57 31.11
N ASP A 227 34.31 2.31 32.15
CA ASP A 227 34.82 1.79 33.40
C ASP A 227 35.30 0.37 33.23
N TYR A 228 34.37 -0.51 32.85
CA TYR A 228 34.63 -1.94 32.80
C TYR A 228 35.40 -2.34 31.54
N ASP A 229 35.66 -1.37 30.68
CA ASP A 229 36.44 -1.53 29.45
C ASP A 229 35.85 -2.64 28.59
N PHE A 230 34.53 -2.58 28.42
CA PHE A 230 33.76 -3.44 27.51
C PHE A 230 33.45 -2.79 26.16
N THR A 231 33.37 -3.58 25.10
CA THR A 231 33.05 -2.98 23.81
C THR A 231 31.54 -3.13 23.47
N VAL A 232 30.83 -3.93 24.25
CA VAL A 232 29.40 -4.17 24.05
C VAL A 232 28.71 -4.21 25.40
N LEU A 233 27.45 -3.82 25.47
CA LEU A 233 26.78 -3.89 26.75
C LEU A 233 25.35 -4.41 26.55
N PRO A 234 24.92 -5.35 27.39
CA PRO A 234 23.57 -5.91 27.28
C PRO A 234 22.46 -5.05 27.89
N VAL A 235 21.27 -5.12 27.29
CA VAL A 235 20.07 -4.41 27.76
C VAL A 235 18.96 -5.41 28.16
N VAL A 236 18.31 -5.17 29.30
CA VAL A 236 17.21 -6.03 29.76
C VAL A 236 15.93 -5.21 29.98
N ASP A 237 14.78 -5.88 30.06
CA ASP A 237 13.55 -5.16 30.42
C ASP A 237 13.37 -5.15 31.94
N GLU A 238 12.19 -4.73 32.39
CA GLU A 238 11.93 -4.57 33.82
C GLU A 238 11.85 -5.93 34.54
N GLU A 239 11.53 -6.97 33.77
CA GLU A 239 11.47 -8.35 34.28
C GLU A 239 12.81 -9.09 34.08
N GLY A 240 13.85 -8.33 33.73
CA GLY A 240 15.17 -8.89 33.55
C GLY A 240 15.47 -9.67 32.28
N ARG A 241 14.62 -9.54 31.27
CA ARG A 241 14.82 -10.26 30.00
C ARG A 241 15.71 -9.52 29.00
N LEU A 242 16.70 -10.22 28.46
CA LEU A 242 17.62 -9.63 27.49
C LEU A 242 16.90 -9.25 26.20
N VAL A 243 16.92 -7.98 25.82
CA VAL A 243 16.25 -7.56 24.60
C VAL A 243 17.22 -7.01 23.54
N GLY A 244 18.40 -6.60 23.98
CA GLY A 244 19.38 -6.11 23.03
C GLY A 244 20.76 -5.84 23.59
N ILE A 245 21.67 -5.50 22.66
CA ILE A 245 23.03 -5.12 23.01
C ILE A 245 23.34 -3.79 22.38
N VAL A 246 24.12 -3.00 23.10
CA VAL A 246 24.65 -1.71 22.67
C VAL A 246 26.13 -1.77 22.38
N THR A 247 26.53 -1.51 21.14
CA THR A 247 27.94 -1.55 20.81
C THR A 247 28.52 -0.17 20.97
N VAL A 248 29.82 -0.13 21.24
CA VAL A 248 30.55 1.10 21.54
C VAL A 248 30.68 2.04 20.34
N ASP A 249 30.65 1.49 19.13
CA ASP A 249 30.80 2.33 17.94
C ASP A 249 29.60 3.26 17.88
N ASP A 250 28.42 2.77 18.25
CA ASP A 250 27.23 3.62 18.34
C ASP A 250 27.31 4.57 19.54
N VAL A 251 28.21 4.29 20.46
CA VAL A 251 28.43 5.18 21.60
C VAL A 251 29.53 6.22 21.34
N LEU A 252 30.54 5.85 20.55
CA LEU A 252 31.56 6.78 20.07
C LEU A 252 30.91 7.87 19.19
N ASP A 253 29.91 7.47 18.42
CA ASP A 253 29.21 8.35 17.48
C ASP A 253 28.20 9.28 18.19
N VAL A 254 28.07 9.16 19.52
CA VAL A 254 27.36 10.19 20.30
C VAL A 254 28.29 11.40 20.58
N LEU A 255 29.58 11.22 20.25
CA LEU A 255 30.68 12.20 20.38
C LEU A 255 30.90 12.62 21.83
N LEU B 8 -26.84 -21.17 -27.51
CA LEU B 8 -26.74 -19.99 -26.65
C LEU B 8 -26.10 -20.39 -25.33
N ALA B 9 -26.87 -21.12 -24.54
CA ALA B 9 -26.37 -21.79 -23.35
C ALA B 9 -25.31 -22.79 -23.77
N VAL B 10 -25.66 -23.54 -24.81
CA VAL B 10 -24.77 -24.53 -25.39
C VAL B 10 -23.62 -23.79 -26.06
N SER B 11 -23.94 -22.60 -26.56
CA SER B 11 -22.95 -21.77 -27.23
C SER B 11 -21.84 -21.36 -26.26
N LEU B 12 -22.21 -21.07 -25.02
CA LEU B 12 -21.22 -20.77 -24.00
C LEU B 12 -20.42 -21.99 -23.53
N GLN B 13 -21.12 -23.05 -23.13
CA GLN B 13 -20.44 -24.23 -22.57
C GLN B 13 -19.51 -24.87 -23.56
N GLU B 14 -19.86 -24.80 -24.84
CA GLU B 14 -18.98 -25.33 -25.86
C GLU B 14 -17.65 -24.59 -25.80
N ALA B 15 -17.72 -23.27 -25.77
CA ALA B 15 -16.54 -22.42 -25.80
C ALA B 15 -15.67 -22.62 -24.58
N LEU B 16 -16.31 -22.87 -23.44
CA LEU B 16 -15.60 -23.16 -22.19
C LEU B 16 -14.76 -24.42 -22.25
N GLN B 17 -15.37 -25.50 -22.69
CA GLN B 17 -14.70 -26.79 -22.77
C GLN B 17 -13.61 -26.83 -23.82
N GLU B 18 -13.83 -26.14 -24.95
CA GLU B 18 -12.83 -26.09 -26.02
C GLU B 18 -11.53 -25.48 -25.55
N GLY B 19 -11.59 -24.64 -24.51
CA GLY B 19 -10.41 -23.97 -24.00
C GLY B 19 -9.94 -22.87 -24.93
N ASP B 20 -10.42 -22.88 -26.18
CA ASP B 20 -9.94 -21.89 -27.12
C ASP B 20 -10.74 -20.62 -26.91
N THR B 21 -9.99 -19.58 -26.59
CA THR B 21 -10.52 -18.27 -26.23
C THR B 21 -11.20 -17.63 -27.45
N ARG B 22 -11.04 -18.28 -28.59
CA ARG B 22 -11.63 -17.82 -29.84
C ARG B 22 -13.13 -17.85 -29.79
N ALA B 23 -13.64 -19.03 -29.47
CA ALA B 23 -15.07 -19.26 -29.37
C ALA B 23 -15.65 -18.49 -28.20
N LEU B 24 -14.90 -18.43 -27.12
CA LEU B 24 -15.36 -17.80 -25.89
C LEU B 24 -15.40 -16.26 -25.94
N ARG B 25 -14.37 -15.61 -26.47
CA ARG B 25 -14.42 -14.14 -26.60
C ARG B 25 -15.48 -13.78 -27.60
N GLU B 26 -15.80 -14.74 -28.48
CA GLU B 26 -16.82 -14.52 -29.50
C GLU B 26 -18.20 -14.58 -28.83
N VAL B 27 -18.33 -15.45 -27.83
CA VAL B 27 -19.59 -15.55 -27.11
C VAL B 27 -19.80 -14.39 -26.14
N LEU B 28 -18.76 -14.09 -25.36
CA LEU B 28 -18.87 -13.07 -24.33
C LEU B 28 -19.12 -11.67 -24.86
N GLU B 29 -18.62 -11.37 -26.05
CA GLU B 29 -18.74 -10.02 -26.58
C GLU B 29 -20.16 -9.78 -27.08
N GLU B 30 -20.96 -10.84 -27.19
CA GLU B 30 -22.35 -10.65 -27.59
C GLU B 30 -23.39 -11.16 -26.58
N ILE B 31 -22.95 -11.82 -25.52
CA ILE B 31 -23.90 -12.27 -24.50
C ILE B 31 -24.35 -11.11 -23.62
N HIS B 32 -25.64 -11.06 -23.33
CA HIS B 32 -26.14 -10.04 -22.41
C HIS B 32 -25.88 -10.47 -20.97
N PRO B 33 -25.46 -9.52 -20.11
CA PRO B 33 -25.17 -9.80 -18.70
C PRO B 33 -26.26 -10.58 -18.01
N GLN B 34 -27.52 -10.25 -18.29
CA GLN B 34 -28.61 -10.95 -17.63
C GLN B 34 -28.70 -12.40 -18.04
N ASP B 35 -28.38 -12.71 -19.28
CA ASP B 35 -28.39 -14.11 -19.71
C ASP B 35 -27.25 -14.87 -19.05
N LEU B 36 -26.20 -14.15 -18.72
CA LEU B 36 -25.04 -14.73 -18.05
C LEU B 36 -25.30 -14.87 -16.56
N LEU B 37 -26.00 -13.90 -16.02
CA LEU B 37 -26.40 -13.92 -14.62
C LEU B 37 -27.34 -15.07 -14.29
N ALA B 38 -28.22 -15.37 -15.24
CA ALA B 38 -29.21 -16.44 -15.10
C ALA B 38 -28.52 -17.79 -14.90
N LEU B 39 -27.51 -18.06 -15.73
CA LEU B 39 -26.74 -19.30 -15.64
C LEU B 39 -25.54 -19.19 -14.71
N TRP B 40 -25.55 -18.19 -13.83
CA TRP B 40 -24.36 -17.90 -13.05
C TRP B 40 -24.04 -19.01 -12.06
N ASP B 41 -25.04 -19.70 -11.55
CA ASP B 41 -24.73 -20.72 -10.57
C ASP B 41 -25.00 -22.09 -11.15
N GLU B 42 -24.83 -22.18 -12.47
CA GLU B 42 -24.53 -23.44 -13.11
C GLU B 42 -23.06 -23.42 -13.51
N LEU B 43 -22.32 -22.48 -12.92
CA LEU B 43 -20.91 -22.33 -13.25
C LEU B 43 -20.03 -22.82 -12.14
N LYS B 44 -18.90 -23.36 -12.53
CA LYS B 44 -17.96 -23.98 -11.65
C LYS B 44 -16.87 -22.96 -11.46
N GLY B 45 -16.05 -23.11 -10.43
CA GLY B 45 -15.03 -22.13 -10.13
C GLY B 45 -14.18 -21.68 -11.31
N GLU B 46 -13.62 -22.65 -12.05
CA GLU B 46 -12.76 -22.28 -13.18
C GLU B 46 -13.58 -21.53 -14.20
N HIS B 47 -14.83 -21.91 -14.39
CA HIS B 47 -15.64 -21.24 -15.39
C HIS B 47 -15.80 -19.77 -15.07
N ARG B 48 -16.33 -19.47 -13.91
CA ARG B 48 -16.54 -18.09 -13.51
C ARG B 48 -15.29 -17.27 -13.61
N TYR B 49 -14.17 -17.86 -13.20
CA TYR B 49 -12.92 -17.14 -13.30
C TYR B 49 -12.71 -16.74 -14.74
N VAL B 50 -12.79 -17.72 -15.61
CA VAL B 50 -12.53 -17.50 -17.01
C VAL B 50 -13.55 -16.53 -17.62
N VAL B 51 -14.83 -16.65 -17.29
CA VAL B 51 -15.76 -15.68 -17.87
C VAL B 51 -15.41 -14.30 -17.38
N LEU B 52 -15.01 -14.17 -16.12
CA LEU B 52 -14.70 -12.84 -15.61
C LEU B 52 -13.33 -12.37 -16.00
N THR B 53 -12.47 -13.30 -16.38
CA THR B 53 -11.16 -12.91 -16.88
C THR B 53 -11.35 -12.22 -18.24
N LEU B 54 -12.26 -12.71 -19.08
CA LEU B 54 -12.35 -12.29 -20.47
C LEU B 54 -13.65 -11.63 -20.91
N LEU B 55 -14.60 -11.50 -20.00
CA LEU B 55 -15.78 -10.69 -20.28
C LEU B 55 -15.36 -9.21 -20.25
N PRO B 56 -15.59 -8.47 -21.34
CA PRO B 56 -15.23 -7.06 -21.53
C PRO B 56 -15.66 -6.27 -20.29
N LYS B 57 -14.80 -5.37 -19.82
CA LYS B 57 -14.94 -4.83 -18.45
C LYS B 57 -16.31 -4.27 -18.08
N ALA B 58 -17.00 -3.62 -19.01
CA ALA B 58 -18.30 -3.04 -18.73
C ALA B 58 -19.32 -4.10 -18.30
N LYS B 59 -19.29 -5.25 -18.96
CA LYS B 59 -20.20 -6.35 -18.64
C LYS B 59 -19.80 -7.05 -17.35
N ALA B 60 -18.50 -7.17 -17.15
CA ALA B 60 -17.94 -7.80 -15.96
C ALA B 60 -18.41 -7.03 -14.71
N ALA B 61 -18.35 -5.71 -14.83
CA ALA B 61 -18.84 -4.82 -13.82
C ALA B 61 -20.36 -4.96 -13.73
N GLU B 62 -21.01 -5.13 -14.88
CA GLU B 62 -22.46 -5.25 -14.86
C GLU B 62 -22.91 -6.47 -14.08
N VAL B 63 -22.24 -7.59 -14.31
CA VAL B 63 -22.60 -8.82 -13.63
C VAL B 63 -22.39 -8.66 -12.14
N LEU B 64 -21.23 -8.15 -11.81
CA LEU B 64 -20.84 -7.97 -10.43
C LEU B 64 -21.92 -7.23 -9.66
N SER B 65 -22.46 -6.17 -10.23
CA SER B 65 -23.44 -5.38 -9.51
C SER B 65 -24.69 -6.19 -9.23
N HIS B 66 -24.89 -7.28 -9.99
CA HIS B 66 -26.10 -8.07 -9.81
C HIS B 66 -25.88 -9.37 -9.05
N LEU B 67 -24.65 -9.64 -8.62
CA LEU B 67 -24.39 -10.78 -7.75
C LEU B 67 -24.79 -10.40 -6.34
N SER B 68 -24.96 -11.42 -5.51
CA SER B 68 -25.29 -11.23 -4.11
C SER B 68 -24.09 -10.58 -3.50
N PRO B 69 -24.28 -9.83 -2.42
CA PRO B 69 -23.09 -9.28 -1.77
C PRO B 69 -22.03 -10.35 -1.50
N GLU B 70 -22.45 -11.57 -1.17
CA GLU B 70 -21.51 -12.63 -0.82
C GLU B 70 -20.66 -13.03 -1.97
N GLU B 71 -21.27 -13.17 -3.13
CA GLU B 71 -20.48 -13.56 -4.27
C GLU B 71 -19.74 -12.33 -4.79
N GLN B 72 -20.33 -11.14 -4.63
CA GLN B 72 -19.64 -9.91 -4.96
C GLN B 72 -18.32 -9.89 -4.26
N ALA B 73 -18.37 -10.20 -2.98
CA ALA B 73 -17.13 -10.17 -2.22
C ALA B 73 -16.20 -11.26 -2.73
N GLU B 74 -16.74 -12.42 -3.00
CA GLU B 74 -15.89 -13.50 -3.41
C GLU B 74 -15.20 -13.23 -4.75
N TYR B 75 -15.98 -12.81 -5.75
CA TYR B 75 -15.43 -12.59 -7.09
C TYR B 75 -14.57 -11.34 -7.20
N LEU B 76 -14.78 -10.38 -6.30
CA LEU B 76 -13.83 -9.29 -6.18
C LEU B 76 -12.53 -9.80 -5.56
N LYS B 77 -12.50 -11.07 -5.16
CA LYS B 77 -11.28 -11.71 -4.63
C LYS B 77 -10.71 -12.79 -5.59
N THR B 78 -11.51 -13.29 -6.53
CA THR B 78 -11.05 -14.30 -7.48
C THR B 78 -10.41 -13.64 -8.72
N LEU B 79 -11.02 -12.54 -9.18
CA LEU B 79 -10.55 -11.83 -10.36
C LEU B 79 -9.13 -11.33 -10.18
N PRO B 80 -8.39 -11.27 -11.28
CA PRO B 80 -6.99 -10.84 -11.23
C PRO B 80 -6.93 -9.35 -11.02
N PRO B 81 -5.94 -8.87 -10.28
CA PRO B 81 -5.83 -7.45 -9.88
C PRO B 81 -5.87 -6.42 -11.01
N TRP B 82 -5.36 -6.77 -12.19
CA TRP B 82 -5.39 -5.82 -13.31
C TRP B 82 -6.80 -5.62 -13.76
N ARG B 83 -7.62 -6.61 -13.43
CA ARG B 83 -9.01 -6.59 -13.77
C ARG B 83 -9.80 -5.84 -12.70
N LEU B 84 -9.34 -5.92 -11.46
CA LEU B 84 -9.96 -5.25 -10.30
C LEU B 84 -10.14 -3.78 -10.52
N ARG B 85 -9.04 -3.07 -10.72
CA ARG B 85 -9.09 -1.61 -10.82
C ARG B 85 -10.03 -1.20 -11.94
N GLU B 86 -10.08 -1.98 -13.02
CA GLU B 86 -11.07 -1.78 -14.09
C GLU B 86 -12.51 -1.86 -13.59
N ILE B 87 -12.84 -3.01 -12.99
CA ILE B 87 -14.19 -3.33 -12.56
C ILE B 87 -14.56 -2.28 -11.50
N LEU B 88 -13.62 -1.99 -10.59
CA LEU B 88 -13.85 -0.98 -9.56
C LEU B 88 -14.12 0.41 -10.16
N GLU B 89 -13.39 0.75 -11.23
CA GLU B 89 -13.59 2.04 -11.86
C GLU B 89 -14.81 2.03 -12.80
N GLU B 90 -15.28 0.83 -13.16
CA GLU B 90 -16.41 0.74 -14.09
C GLU B 90 -17.77 0.71 -13.44
N LEU B 91 -17.84 0.25 -12.20
CA LEU B 91 -19.08 0.34 -11.41
C LEU B 91 -19.59 1.75 -11.30
N SER B 92 -20.92 1.92 -11.38
CA SER B 92 -21.57 3.18 -10.98
C SER B 92 -21.36 3.40 -9.48
N LEU B 93 -21.18 4.65 -9.06
CA LEU B 93 -20.80 4.91 -7.67
C LEU B 93 -21.76 4.33 -6.58
N ASP B 94 -23.07 4.25 -6.83
CA ASP B 94 -23.93 3.60 -5.86
C ASP B 94 -23.54 2.14 -5.67
N ASP B 95 -23.38 1.43 -6.78
CA ASP B 95 -23.03 0.00 -6.80
C ASP B 95 -21.60 -0.26 -6.33
N LEU B 96 -20.71 0.67 -6.62
CA LEU B 96 -19.35 0.52 -6.15
C LEU B 96 -19.40 0.54 -4.61
N ALA B 97 -20.15 1.51 -4.06
CA ALA B 97 -20.27 1.60 -2.63
C ALA B 97 -20.83 0.31 -2.07
N ASP B 98 -21.89 -0.20 -2.68
CA ASP B 98 -22.48 -1.41 -2.17
C ASP B 98 -21.48 -2.55 -2.14
N ALA B 99 -20.70 -2.66 -3.21
CA ALA B 99 -19.76 -3.74 -3.38
C ALA B 99 -18.67 -3.69 -2.30
N LEU B 100 -18.11 -2.50 -2.09
CA LEU B 100 -17.11 -2.30 -1.04
C LEU B 100 -17.67 -2.60 0.36
N GLN B 101 -18.92 -2.21 0.58
CA GLN B 101 -19.55 -2.55 1.84
C GLN B 101 -19.65 -4.06 2.03
N ALA B 102 -20.08 -4.76 0.98
CA ALA B 102 -20.16 -6.23 1.01
C ALA B 102 -18.83 -6.88 1.40
N VAL B 103 -17.74 -6.30 0.90
CA VAL B 103 -16.41 -6.81 1.19
C VAL B 103 -15.99 -6.57 2.64
N ARG B 104 -16.19 -5.36 3.16
CA ARG B 104 -15.76 -5.08 4.54
C ARG B 104 -16.62 -5.89 5.55
N LYS B 105 -17.82 -6.27 5.15
CA LYS B 105 -18.65 -7.07 6.03
C LYS B 105 -17.93 -8.41 6.29
N GLU B 106 -17.18 -8.90 5.31
CA GLU B 106 -16.48 -10.17 5.45
C GLU B 106 -14.99 -10.01 5.75
N ASP B 107 -14.40 -9.00 5.14
CA ASP B 107 -12.97 -8.88 5.14
C ASP B 107 -12.58 -7.43 5.12
N PRO B 108 -12.51 -6.84 6.30
CA PRO B 108 -12.11 -5.43 6.31
C PRO B 108 -10.69 -5.19 5.84
N ALA B 109 -9.81 -6.16 6.02
CA ALA B 109 -8.44 -5.99 5.52
C ALA B 109 -8.43 -5.73 4.01
N TYR B 110 -9.11 -6.62 3.29
CA TYR B 110 -9.21 -6.56 1.85
C TYR B 110 -10.05 -5.36 1.40
N PHE B 111 -11.03 -4.99 2.23
CA PHE B 111 -11.81 -3.77 2.00
C PHE B 111 -10.89 -2.58 1.86
N GLN B 112 -9.92 -2.51 2.75
CA GLN B 112 -8.94 -1.44 2.75
C GLN B 112 -7.99 -1.42 1.54
N ARG B 113 -7.51 -2.61 1.16
CA ARG B 113 -6.62 -2.76 0.02
C ARG B 113 -7.31 -2.35 -1.26
N LEU B 114 -8.61 -2.66 -1.35
CA LEU B 114 -9.37 -2.30 -2.54
C LEU B 114 -9.45 -0.80 -2.73
N LYS B 115 -9.82 -0.09 -1.66
CA LYS B 115 -9.97 1.34 -1.74
C LYS B 115 -8.66 1.97 -2.18
N ASP B 116 -7.54 1.35 -1.80
CA ASP B 116 -6.23 1.80 -2.26
C ASP B 116 -6.13 1.74 -3.78
N LEU B 117 -6.81 0.77 -4.40
CA LEU B 117 -6.78 0.64 -5.86
C LEU B 117 -7.54 1.76 -6.52
N LEU B 118 -8.40 2.42 -5.76
CA LEU B 118 -9.27 3.42 -6.36
C LEU B 118 -8.48 4.66 -6.68
N ASP B 119 -8.82 5.28 -7.79
CA ASP B 119 -8.39 6.64 -8.05
C ASP B 119 -8.92 7.58 -6.99
N PRO B 120 -8.15 8.62 -6.64
CA PRO B 120 -8.52 9.59 -5.59
C PRO B 120 -9.93 10.17 -5.72
N ARG B 121 -10.44 10.40 -6.93
CA ARG B 121 -11.77 11.00 -7.09
C ARG B 121 -12.79 9.98 -6.70
N THR B 122 -12.58 8.77 -7.19
CA THR B 122 -13.52 7.70 -6.87
C THR B 122 -13.49 7.41 -5.37
N ARG B 123 -12.32 7.38 -4.75
CA ARG B 123 -12.27 7.11 -3.31
C ARG B 123 -12.96 8.25 -2.57
N ALA B 124 -12.75 9.47 -3.05
CA ALA B 124 -13.39 10.64 -2.46
C ALA B 124 -14.89 10.45 -2.54
N GLU B 125 -15.35 10.18 -3.75
CA GLU B 125 -16.76 10.00 -4.02
C GLU B 125 -17.35 8.83 -3.24
N VAL B 126 -16.75 7.66 -3.33
CA VAL B 126 -17.25 6.47 -2.64
C VAL B 126 -17.24 6.58 -1.13
N GLU B 127 -16.20 7.15 -0.57
CA GLU B 127 -16.15 7.31 0.88
C GLU B 127 -17.31 8.17 1.41
N ALA B 128 -17.72 9.17 0.65
CA ALA B 128 -18.87 9.98 1.03
C ALA B 128 -20.16 9.14 1.10
N LEU B 129 -20.43 8.35 0.07
CA LEU B 129 -21.62 7.53 0.03
C LEU B 129 -21.59 6.42 1.08
N ALA B 130 -20.37 6.00 1.39
CA ALA B 130 -20.18 4.89 2.31
C ALA B 130 -20.58 5.33 3.71
N ARG B 131 -20.61 6.64 3.92
CA ARG B 131 -21.00 7.17 5.21
C ARG B 131 -22.49 7.02 5.50
N TYR B 132 -23.34 6.86 4.48
CA TYR B 132 -24.81 6.79 4.71
C TYR B 132 -25.33 5.39 5.08
N GLU B 133 -26.49 5.32 5.73
CA GLU B 133 -27.05 4.03 6.15
C GLU B 133 -27.50 3.29 4.89
N GLU B 134 -27.15 2.02 4.71
CA GLU B 134 -27.43 1.43 3.39
C GLU B 134 -28.92 1.35 3.01
N ASP B 135 -29.82 1.47 3.99
CA ASP B 135 -31.28 1.42 3.75
C ASP B 135 -31.92 2.79 3.80
N GLU B 136 -31.13 3.83 3.57
CA GLU B 136 -31.68 5.19 3.47
C GLU B 136 -31.33 5.80 2.12
N ALA B 137 -31.81 7.02 1.90
CA ALA B 137 -31.67 7.67 0.61
C ALA B 137 -30.20 7.76 0.16
N GLY B 138 -29.29 8.09 1.09
CA GLY B 138 -27.86 8.15 0.83
C GLY B 138 -27.26 6.79 0.43
N GLY B 139 -27.77 5.74 1.05
CA GLY B 139 -27.30 4.40 0.77
C GLY B 139 -27.74 3.98 -0.61
N LEU B 140 -28.66 4.72 -1.19
CA LEU B 140 -29.18 4.40 -2.51
C LEU B 140 -28.75 5.41 -3.61
N MET B 141 -28.40 6.63 -3.24
CA MET B 141 -28.13 7.66 -4.23
C MET B 141 -26.81 7.50 -5.05
N THR B 142 -26.68 8.27 -6.11
CA THR B 142 -25.42 8.38 -6.85
C THR B 142 -25.21 9.85 -7.08
N PRO B 143 -23.95 10.30 -7.03
CA PRO B 143 -23.68 11.73 -7.28
C PRO B 143 -23.62 12.03 -8.74
N GLU B 144 -23.75 11.00 -9.58
CA GLU B 144 -23.60 11.17 -11.01
C GLU B 144 -24.93 11.66 -11.58
N TYR B 145 -25.32 12.87 -11.22
CA TYR B 145 -26.54 13.51 -11.74
C TYR B 145 -26.11 14.72 -12.50
N VAL B 146 -27.00 15.33 -13.29
CA VAL B 146 -26.60 16.52 -14.05
C VAL B 146 -27.21 17.78 -13.50
N ALA B 147 -26.39 18.72 -13.07
CA ALA B 147 -26.94 19.97 -12.55
C ALA B 147 -26.52 21.19 -13.34
N VAL B 148 -27.45 22.13 -13.44
CA VAL B 148 -27.25 23.38 -14.16
C VAL B 148 -27.84 24.57 -13.39
N ARG B 149 -27.58 25.77 -13.91
CA ARG B 149 -28.05 26.99 -13.29
C ARG B 149 -29.28 27.51 -14.01
N GLU B 150 -29.99 28.43 -13.37
CA GLU B 150 -31.26 28.91 -13.93
C GLU B 150 -30.96 29.75 -15.16
N GLY B 151 -29.78 30.33 -15.19
CA GLY B 151 -29.45 31.25 -16.25
C GLY B 151 -29.07 30.60 -17.55
N MET B 152 -28.77 29.30 -17.55
CA MET B 152 -28.34 28.65 -18.78
C MET B 152 -29.46 28.57 -19.78
N THR B 153 -29.10 28.65 -21.05
CA THR B 153 -30.12 28.55 -22.08
C THR B 153 -30.29 27.12 -22.55
N VAL B 154 -31.42 26.83 -23.16
CA VAL B 154 -31.70 25.48 -23.58
C VAL B 154 -30.55 25.03 -24.45
N GLU B 155 -30.04 25.94 -25.28
CA GLU B 155 -28.92 25.59 -26.16
C GLU B 155 -27.70 25.19 -25.37
N GLU B 156 -27.42 25.93 -24.31
CA GLU B 156 -26.23 25.66 -23.51
C GLU B 156 -26.43 24.37 -22.71
N VAL B 157 -27.65 24.14 -22.20
CA VAL B 157 -27.89 22.94 -21.42
C VAL B 157 -27.72 21.71 -22.27
N LEU B 158 -28.24 21.76 -23.49
CA LEU B 158 -28.11 20.64 -24.42
C LEU B 158 -26.66 20.36 -24.74
N ARG B 159 -25.88 21.38 -25.06
CA ARG B 159 -24.46 21.17 -25.34
C ARG B 159 -23.77 20.53 -24.13
N PHE B 160 -24.25 20.86 -22.94
CA PHE B 160 -23.66 20.34 -21.72
C PHE B 160 -23.94 18.85 -21.60
N LEU B 161 -25.19 18.46 -21.88
CA LEU B 161 -25.58 17.06 -21.76
C LEU B 161 -24.69 16.16 -22.60
N ARG B 162 -24.17 16.68 -23.69
CA ARG B 162 -23.42 15.84 -24.61
C ARG B 162 -22.01 15.57 -24.13
N ARG B 163 -21.64 16.19 -23.02
CA ARG B 163 -20.34 15.88 -22.48
C ARG B 163 -20.49 15.42 -21.03
N ALA B 164 -21.74 15.47 -20.57
CA ALA B 164 -22.10 14.95 -19.26
C ALA B 164 -22.59 13.51 -19.38
N ALA B 165 -23.14 13.18 -20.54
CA ALA B 165 -23.70 11.86 -20.80
C ALA B 165 -22.80 10.64 -20.48
N PRO B 166 -21.51 10.66 -20.90
CA PRO B 166 -20.68 9.46 -20.71
C PRO B 166 -20.72 8.91 -19.30
N ASP B 167 -20.85 9.80 -18.34
CA ASP B 167 -20.71 9.46 -16.94
C ASP B 167 -21.98 9.60 -16.12
N ALA B 168 -22.96 10.30 -16.67
CA ALA B 168 -24.17 10.56 -15.92
C ALA B 168 -24.91 9.27 -15.71
N GLU B 169 -25.57 9.15 -14.56
CA GLU B 169 -26.44 8.01 -14.32
C GLU B 169 -27.55 8.12 -15.30
N THR B 170 -28.17 9.29 -15.30
CA THR B 170 -29.22 9.62 -16.25
C THR B 170 -29.17 11.08 -16.62
N ILE B 171 -29.60 11.36 -17.86
CA ILE B 171 -29.65 12.75 -18.33
C ILE B 171 -31.06 13.16 -18.77
N TYR B 172 -32.05 12.29 -18.54
CA TYR B 172 -33.43 12.59 -18.93
C TYR B 172 -34.02 13.60 -17.95
N TYR B 173 -33.46 13.68 -16.76
CA TYR B 173 -33.85 14.74 -15.82
C TYR B 173 -32.66 15.63 -15.52
N ILE B 174 -32.87 16.93 -15.63
CA ILE B 174 -31.84 17.89 -15.33
C ILE B 174 -32.21 18.72 -14.09
N TYR B 175 -31.31 18.75 -13.14
CA TYR B 175 -31.59 19.42 -11.89
C TYR B 175 -30.93 20.79 -11.89
N VAL B 176 -31.54 21.73 -11.17
CA VAL B 176 -31.11 23.12 -11.17
C VAL B 176 -30.76 23.64 -9.79
N VAL B 177 -29.52 24.08 -9.61
CA VAL B 177 -29.08 24.64 -8.35
C VAL B 177 -28.57 26.09 -8.44
N ASP B 178 -28.34 26.72 -7.31
CA ASP B 178 -27.90 28.10 -7.33
C ASP B 178 -26.39 28.29 -7.11
N GLU B 179 -26.01 29.54 -6.80
CA GLU B 179 -24.65 29.92 -6.43
C GLU B 179 -24.06 28.99 -5.37
N LYS B 180 -24.89 28.64 -4.36
CA LYS B 180 -24.49 27.78 -3.24
C LYS B 180 -24.80 26.31 -3.49
N GLY B 181 -25.49 26.03 -4.59
CA GLY B 181 -25.67 24.67 -5.03
C GLY B 181 -26.82 23.97 -4.37
N ARG B 182 -27.65 24.74 -3.70
CA ARG B 182 -28.87 24.18 -3.13
C ARG B 182 -29.97 24.05 -4.19
N LEU B 183 -30.75 22.98 -4.09
CA LEU B 183 -31.75 22.67 -5.11
C LEU B 183 -32.81 23.75 -5.35
N LYS B 184 -32.99 24.14 -6.61
CA LYS B 184 -34.00 25.15 -6.96
C LYS B 184 -35.03 24.75 -8.03
N GLY B 185 -34.71 23.77 -8.87
CA GLY B 185 -35.67 23.36 -9.90
C GLY B 185 -35.30 22.12 -10.69
N VAL B 186 -36.26 21.60 -11.44
CA VAL B 186 -36.05 20.39 -12.22
C VAL B 186 -36.63 20.51 -13.62
N LEU B 187 -35.97 19.95 -14.60
CA LEU B 187 -36.57 19.94 -15.92
C LEU B 187 -36.16 18.66 -16.69
N SER B 188 -37.01 18.21 -17.60
CA SER B 188 -36.74 16.96 -18.29
C SER B 188 -36.02 17.18 -19.58
N LEU B 189 -35.39 16.13 -20.09
CA LEU B 189 -34.77 16.23 -21.40
C LEU B 189 -35.84 16.55 -22.45
N ARG B 190 -37.04 16.05 -22.22
CA ARG B 190 -38.15 16.31 -23.11
C ARG B 190 -38.61 17.78 -23.09
N ASP B 191 -38.65 18.41 -21.91
CA ASP B 191 -39.02 19.83 -21.81
C ASP B 191 -38.04 20.66 -22.61
N LEU B 192 -36.78 20.29 -22.54
CA LEU B 192 -35.70 20.95 -23.28
C LEU B 192 -35.84 20.88 -24.80
N ILE B 193 -36.23 19.71 -25.29
CA ILE B 193 -36.35 19.48 -26.73
C ILE B 193 -37.57 20.24 -27.29
N VAL B 194 -38.64 20.27 -26.48
CA VAL B 194 -39.87 20.96 -26.83
C VAL B 194 -39.64 22.48 -26.85
N ALA B 195 -38.65 22.93 -26.08
CA ALA B 195 -38.38 24.37 -25.89
C ALA B 195 -37.50 25.02 -26.96
N ASP B 196 -37.54 26.34 -26.98
CA ASP B 196 -36.73 27.15 -27.91
C ASP B 196 -35.28 27.23 -27.46
N PRO B 197 -34.34 27.01 -28.39
CA PRO B 197 -32.90 26.90 -28.06
C PRO B 197 -32.34 28.10 -27.29
N ARG B 198 -32.96 29.27 -27.32
CA ARG B 198 -32.40 30.35 -26.51
C ARG B 198 -33.23 30.63 -25.24
N THR B 199 -34.24 29.80 -24.98
CA THR B 199 -35.03 29.93 -23.74
C THR B 199 -34.19 29.67 -22.48
N ARG B 200 -34.32 30.52 -21.47
CA ARG B 200 -33.56 30.32 -20.23
C ARG B 200 -34.14 29.17 -19.45
N VAL B 201 -33.32 28.45 -18.69
CA VAL B 201 -33.79 27.31 -17.92
C VAL B 201 -34.81 27.75 -16.87
N ALA B 202 -34.61 28.93 -16.30
CA ALA B 202 -35.43 29.39 -15.17
C ALA B 202 -36.91 29.52 -15.54
N GLU B 203 -37.21 29.44 -16.82
CA GLU B 203 -38.58 29.60 -17.25
C GLU B 203 -39.20 28.32 -17.80
N ILE B 204 -38.46 27.23 -17.78
CA ILE B 204 -38.97 25.93 -18.23
C ILE B 204 -39.03 24.98 -17.05
N MET B 205 -38.13 25.23 -16.11
CA MET B 205 -38.00 24.40 -14.95
C MET B 205 -39.21 24.45 -14.04
N ASN B 206 -39.42 23.35 -13.33
CA ASN B 206 -40.43 23.29 -12.30
C ASN B 206 -39.84 23.59 -10.95
N PRO B 207 -40.20 24.76 -10.38
CA PRO B 207 -39.70 25.20 -9.09
C PRO B 207 -40.25 24.35 -7.95
N LYS B 208 -41.43 23.75 -8.12
CA LYS B 208 -42.01 22.91 -7.08
C LYS B 208 -41.44 21.50 -7.14
N VAL B 209 -40.20 21.34 -6.71
CA VAL B 209 -39.51 20.05 -6.80
C VAL B 209 -39.78 19.16 -5.57
N VAL B 210 -40.13 17.91 -5.84
CA VAL B 210 -40.24 16.90 -4.79
C VAL B 210 -38.91 16.20 -4.62
N TYR B 211 -38.38 16.31 -3.41
CA TYR B 211 -37.06 15.84 -3.07
C TYR B 211 -37.09 14.90 -1.89
N VAL B 212 -35.93 14.37 -1.57
CA VAL B 212 -35.79 13.36 -0.52
C VAL B 212 -34.48 13.67 0.19
N ARG B 213 -34.45 13.57 1.52
CA ARG B 213 -33.21 13.86 2.23
C ARG B 213 -32.38 12.60 2.45
N THR B 214 -31.09 12.74 2.73
CA THR B 214 -30.19 11.58 2.92
C THR B 214 -30.74 10.72 4.05
N ASP B 215 -31.43 11.38 4.99
CA ASP B 215 -32.10 10.80 6.15
C ASP B 215 -33.22 9.82 5.82
N THR B 216 -33.92 10.12 4.73
CA THR B 216 -35.16 9.45 4.34
C THR B 216 -35.05 7.95 4.16
N ASP B 217 -35.98 7.21 4.77
CA ASP B 217 -35.95 5.76 4.75
C ASP B 217 -36.26 5.29 3.34
N GLN B 218 -35.71 4.15 2.95
CA GLN B 218 -35.86 3.68 1.57
C GLN B 218 -37.30 3.49 1.11
N GLU B 219 -38.21 3.04 1.98
CA GLU B 219 -39.59 2.82 1.56
C GLU B 219 -40.31 4.13 1.33
N GLU B 220 -39.83 5.20 1.96
CA GLU B 220 -40.39 6.50 1.74
C GLU B 220 -40.02 6.96 0.34
N VAL B 221 -38.79 6.64 -0.07
CA VAL B 221 -38.32 6.86 -1.45
C VAL B 221 -39.20 6.11 -2.47
N ALA B 222 -39.71 4.96 -2.05
CA ALA B 222 -40.55 4.13 -2.90
C ALA B 222 -41.95 4.68 -3.01
N ARG B 223 -42.58 5.01 -1.88
CA ARG B 223 -43.93 5.57 -1.92
C ARG B 223 -43.91 6.85 -2.75
N LEU B 224 -42.89 7.65 -2.55
CA LEU B 224 -42.81 8.91 -3.24
C LEU B 224 -42.60 8.76 -4.74
N MET B 225 -41.80 7.78 -5.12
CA MET B 225 -41.46 7.52 -6.50
C MET B 225 -42.69 7.02 -7.25
N ALA B 226 -43.54 6.28 -6.52
CA ALA B 226 -44.71 5.62 -7.09
C ALA B 226 -45.92 6.55 -7.27
N ASP B 227 -46.00 7.54 -6.38
CA ASP B 227 -47.07 8.52 -6.39
C ASP B 227 -46.97 9.46 -7.56
N TYR B 228 -45.83 10.13 -7.58
CA TYR B 228 -45.55 11.17 -8.56
C TYR B 228 -45.14 10.57 -9.90
N ASP B 229 -45.01 9.25 -9.93
CA ASP B 229 -44.65 8.47 -11.11
C ASP B 229 -43.36 9.04 -11.75
N PHE B 230 -42.35 9.30 -10.92
CA PHE B 230 -40.98 9.65 -11.38
C PHE B 230 -40.07 8.45 -11.35
N THR B 231 -39.12 8.39 -12.27
CA THR B 231 -38.24 7.25 -12.28
C THR B 231 -36.97 7.63 -11.53
N VAL B 232 -36.82 8.92 -11.26
CA VAL B 232 -35.67 9.44 -10.56
C VAL B 232 -36.09 10.46 -9.53
N LEU B 233 -35.42 10.47 -8.39
CA LEU B 233 -35.76 11.39 -7.32
C LEU B 233 -34.45 11.97 -6.77
N PRO B 234 -34.40 13.31 -6.56
CA PRO B 234 -33.21 14.03 -6.07
C PRO B 234 -33.02 13.95 -4.54
N VAL B 235 -31.77 14.01 -4.10
CA VAL B 235 -31.44 14.01 -2.67
C VAL B 235 -30.73 15.30 -2.24
N VAL B 236 -31.18 15.89 -1.13
CA VAL B 236 -30.53 17.12 -0.64
C VAL B 236 -29.97 16.89 0.75
N ASP B 237 -29.04 17.74 1.18
CA ASP B 237 -28.59 17.67 2.56
C ASP B 237 -29.45 18.62 3.38
N GLU B 238 -29.05 18.85 4.64
CA GLU B 238 -29.86 19.60 5.59
C GLU B 238 -29.93 21.09 5.23
N GLU B 239 -28.91 21.55 4.51
CA GLU B 239 -28.82 22.93 4.01
C GLU B 239 -29.45 23.04 2.61
N GLY B 240 -30.12 21.98 2.18
CA GLY B 240 -30.81 21.96 0.90
C GLY B 240 -29.96 21.79 -0.35
N ARG B 241 -28.71 21.37 -0.19
CA ARG B 241 -27.81 21.21 -1.33
C ARG B 241 -27.99 19.83 -1.98
N LEU B 242 -28.15 19.82 -3.31
CA LEU B 242 -28.25 18.55 -4.04
C LEU B 242 -26.96 17.76 -3.90
N VAL B 243 -27.06 16.53 -3.41
CA VAL B 243 -25.88 15.67 -3.27
C VAL B 243 -25.96 14.39 -4.11
N GLY B 244 -27.18 14.03 -4.53
CA GLY B 244 -27.41 12.83 -5.33
C GLY B 244 -28.80 12.62 -5.89
N ILE B 245 -28.98 11.56 -6.67
CA ILE B 245 -30.27 11.18 -7.18
C ILE B 245 -30.43 9.70 -6.93
N VAL B 246 -31.68 9.28 -6.64
CA VAL B 246 -32.06 7.87 -6.52
C VAL B 246 -32.96 7.44 -7.66
N THR B 247 -32.51 6.48 -8.44
CA THR B 247 -33.31 6.00 -9.55
C THR B 247 -34.16 4.83 -9.12
N VAL B 248 -35.27 4.64 -9.82
CA VAL B 248 -36.29 3.63 -9.47
C VAL B 248 -35.80 2.17 -9.61
N ASP B 249 -34.83 1.91 -10.50
CA ASP B 249 -34.33 0.54 -10.64
C ASP B 249 -33.65 0.09 -9.36
N ASP B 250 -32.88 0.97 -8.74
CA ASP B 250 -32.24 0.59 -7.49
C ASP B 250 -33.29 0.43 -6.39
N VAL B 251 -34.47 0.97 -6.62
CA VAL B 251 -35.56 0.86 -5.66
C VAL B 251 -36.41 -0.39 -5.91
N LEU B 252 -36.54 -0.79 -7.16
CA LEU B 252 -37.17 -2.07 -7.47
C LEU B 252 -36.35 -3.19 -6.81
N ASP B 253 -35.03 -3.02 -6.77
CA ASP B 253 -34.15 -4.05 -6.22
C ASP B 253 -34.18 -4.09 -4.68
N VAL B 254 -34.91 -3.17 -4.04
CA VAL B 254 -35.18 -3.31 -2.60
C VAL B 254 -36.33 -4.29 -2.36
N LEU B 255 -36.95 -4.72 -3.47
CA LEU B 255 -38.09 -5.66 -3.52
C LEU B 255 -39.33 -5.10 -2.84
N ALA C 9 15.32 27.41 -35.47
CA ALA C 9 14.91 26.02 -35.27
C ALA C 9 16.09 25.09 -35.45
N VAL C 10 16.83 25.30 -36.54
CA VAL C 10 18.07 24.54 -36.81
C VAL C 10 19.10 24.96 -35.77
N SER C 11 18.90 26.16 -35.21
CA SER C 11 19.77 26.74 -34.20
C SER C 11 19.87 25.74 -33.05
N LEU C 12 18.79 24.98 -32.87
CA LEU C 12 18.81 23.86 -31.95
C LEU C 12 19.72 22.74 -32.49
N GLN C 13 19.52 22.35 -33.74
CA GLN C 13 20.28 21.24 -34.32
C GLN C 13 21.79 21.51 -34.40
N GLU C 14 22.16 22.75 -34.67
CA GLU C 14 23.58 23.14 -34.64
C GLU C 14 24.09 22.85 -33.22
N ALA C 15 23.32 23.21 -32.20
CA ALA C 15 23.68 22.91 -30.82
C ALA C 15 23.77 21.39 -30.60
N LEU C 16 22.92 20.63 -31.31
CA LEU C 16 22.99 19.17 -31.31
C LEU C 16 24.33 18.68 -31.87
N GLN C 17 24.74 19.25 -33.00
CA GLN C 17 25.94 18.81 -33.69
C GLN C 17 27.12 19.02 -32.78
N GLU C 18 27.06 20.09 -32.00
CA GLU C 18 28.11 20.41 -31.04
C GLU C 18 28.30 19.27 -30.05
N GLY C 19 27.22 18.58 -29.69
CA GLY C 19 27.38 17.52 -28.71
C GLY C 19 27.71 18.15 -27.34
N ASP C 20 27.93 19.46 -27.38
CA ASP C 20 28.40 20.29 -26.28
C ASP C 20 27.33 20.81 -25.34
N THR C 21 27.60 20.72 -24.03
CA THR C 21 26.64 21.19 -23.05
C THR C 21 26.40 22.67 -23.30
N ARG C 22 27.49 23.44 -23.34
CA ARG C 22 27.43 24.90 -23.43
C ARG C 22 26.77 25.40 -24.69
N ALA C 23 27.11 24.80 -25.82
CA ALA C 23 26.49 25.20 -27.07
C ALA C 23 24.99 24.92 -27.05
N LEU C 24 24.61 23.80 -26.47
CA LEU C 24 23.20 23.47 -26.32
C LEU C 24 22.58 24.26 -25.17
N ARG C 25 23.31 24.44 -24.08
CA ARG C 25 22.73 25.18 -22.96
C ARG C 25 22.49 26.65 -23.30
N GLU C 26 23.26 27.19 -24.24
CA GLU C 26 23.11 28.61 -24.53
C GLU C 26 21.86 28.91 -25.34
N VAL C 27 21.45 28.00 -26.20
CA VAL C 27 20.23 28.21 -26.97
C VAL C 27 19.01 27.93 -26.09
N LEU C 28 19.08 26.87 -25.28
CA LEU C 28 17.97 26.46 -24.45
C LEU C 28 17.59 27.57 -23.48
N GLU C 29 18.58 28.32 -23.03
CA GLU C 29 18.30 29.37 -22.05
C GLU C 29 17.68 30.60 -22.71
N GLU C 30 17.69 30.67 -24.04
CA GLU C 30 17.04 31.81 -24.68
C GLU C 30 15.88 31.40 -25.58
N ILE C 31 15.62 30.10 -25.69
CA ILE C 31 14.46 29.61 -26.46
C ILE C 31 13.20 29.85 -25.66
N HIS C 32 12.12 30.26 -26.30
CA HIS C 32 10.86 30.34 -25.58
C HIS C 32 10.21 28.95 -25.51
N PRO C 33 9.63 28.61 -24.34
CA PRO C 33 8.96 27.32 -24.14
C PRO C 33 7.99 26.98 -25.27
N GLN C 34 7.20 27.94 -25.74
CA GLN C 34 6.25 27.66 -26.80
C GLN C 34 6.99 27.32 -28.09
N ASP C 35 8.12 27.98 -28.34
CA ASP C 35 8.91 27.68 -29.53
C ASP C 35 9.55 26.31 -29.33
N LEU C 36 9.71 25.90 -28.08
CA LEU C 36 10.22 24.57 -27.80
C LEU C 36 9.07 23.57 -27.94
N LEU C 37 7.89 23.99 -27.49
CA LEU C 37 6.69 23.18 -27.58
C LEU C 37 6.25 22.86 -28.99
N ALA C 38 6.44 23.79 -29.92
CA ALA C 38 6.03 23.57 -31.30
C ALA C 38 6.81 22.44 -31.98
N LEU C 39 8.14 22.51 -31.89
CA LEU C 39 9.02 21.52 -32.51
C LEU C 39 9.29 20.30 -31.63
N TRP C 40 8.42 20.05 -30.65
CA TRP C 40 8.71 19.02 -29.66
C TRP C 40 8.68 17.61 -30.20
N ASP C 41 7.83 17.37 -31.20
CA ASP C 41 7.80 16.06 -31.84
C ASP C 41 8.38 16.23 -33.22
N GLU C 42 9.37 17.11 -33.31
CA GLU C 42 10.35 16.96 -34.37
C GLU C 42 11.57 16.43 -33.65
N LEU C 43 11.38 16.01 -32.40
CA LEU C 43 12.47 15.51 -31.57
C LEU C 43 12.32 14.03 -31.28
N LYS C 44 13.45 13.35 -31.22
CA LYS C 44 13.52 11.93 -30.98
C LYS C 44 13.95 11.76 -29.54
N GLY C 45 13.75 10.55 -29.01
CA GLY C 45 14.07 10.21 -27.65
C GLY C 45 15.44 10.76 -27.28
N GLU C 46 16.40 10.62 -28.19
CA GLU C 46 17.74 11.10 -27.93
C GLU C 46 17.75 12.61 -27.73
N HIS C 47 16.99 13.34 -28.57
CA HIS C 47 16.92 14.78 -28.44
C HIS C 47 16.24 15.22 -27.16
N ARG C 48 14.98 14.83 -26.99
CA ARG C 48 14.22 15.25 -25.82
C ARG C 48 14.98 14.88 -24.55
N TYR C 49 15.63 13.73 -24.55
CA TYR C 49 16.36 13.33 -23.36
C TYR C 49 17.42 14.39 -23.04
N VAL C 50 18.25 14.70 -24.01
CA VAL C 50 19.32 15.67 -23.78
C VAL C 50 18.82 17.10 -23.52
N VAL C 51 17.78 17.57 -24.24
CA VAL C 51 17.27 18.92 -23.96
C VAL C 51 16.79 18.97 -22.51
N LEU C 52 16.20 17.87 -22.05
CA LEU C 52 15.67 17.80 -20.70
C LEU C 52 16.75 17.57 -19.70
N THR C 53 17.92 17.19 -20.19
CA THR C 53 19.00 16.89 -19.27
C THR C 53 19.41 18.13 -18.51
N LEU C 54 19.57 19.24 -19.21
CA LEU C 54 19.98 20.46 -18.51
C LEU C 54 19.19 21.71 -18.93
N LEU C 55 18.00 21.51 -19.49
CA LEU C 55 17.08 22.65 -19.69
C LEU C 55 16.68 23.18 -18.32
N PRO C 56 16.83 24.51 -18.12
CA PRO C 56 16.53 25.15 -16.83
C PRO C 56 15.21 24.69 -16.24
N LYS C 57 15.25 24.37 -14.95
CA LYS C 57 14.14 23.68 -14.34
C LYS C 57 12.80 24.42 -14.49
N ALA C 58 12.79 25.74 -14.41
CA ALA C 58 11.52 26.43 -14.55
C ALA C 58 10.89 26.19 -15.92
N LYS C 59 11.70 26.24 -16.97
CA LYS C 59 11.24 26.09 -18.36
C LYS C 59 10.87 24.66 -18.69
N ALA C 60 11.63 23.75 -18.09
CA ALA C 60 11.42 22.32 -18.24
C ALA C 60 10.03 22.00 -17.77
N ALA C 61 9.69 22.54 -16.61
CA ALA C 61 8.38 22.37 -16.02
C ALA C 61 7.30 22.99 -16.88
N GLU C 62 7.61 24.17 -17.43
CA GLU C 62 6.68 24.92 -18.27
C GLU C 62 6.32 24.11 -19.50
N VAL C 63 7.31 23.46 -20.11
CA VAL C 63 7.01 22.66 -21.28
C VAL C 63 6.13 21.53 -20.85
N LEU C 64 6.54 20.81 -19.79
CA LEU C 64 5.78 19.69 -19.26
C LEU C 64 4.32 19.99 -19.01
N SER C 65 4.01 21.17 -18.46
CA SER C 65 2.64 21.50 -18.11
C SER C 65 1.77 21.58 -19.35
N HIS C 66 2.40 21.79 -20.51
CA HIS C 66 1.70 21.98 -21.76
C HIS C 66 1.70 20.78 -22.76
N LEU C 67 2.33 19.67 -22.41
CA LEU C 67 2.19 18.48 -23.26
C LEU C 67 0.89 17.74 -23.05
N SER C 68 0.56 16.90 -24.02
CA SER C 68 -0.64 16.09 -23.94
C SER C 68 -0.41 15.13 -22.82
N PRO C 69 -1.48 14.75 -22.12
CA PRO C 69 -1.39 13.84 -20.97
C PRO C 69 -0.62 12.55 -21.28
N GLU C 70 -0.69 12.06 -22.51
CA GLU C 70 0.07 10.87 -22.84
C GLU C 70 1.57 11.16 -22.80
N GLU C 71 1.97 12.31 -23.33
CA GLU C 71 3.39 12.64 -23.39
C GLU C 71 4.00 13.10 -22.07
N GLN C 72 3.19 13.76 -21.24
CA GLN C 72 3.58 14.13 -19.88
C GLN C 72 4.01 12.90 -19.10
N ALA C 73 3.20 11.86 -19.18
CA ALA C 73 3.48 10.63 -18.46
C ALA C 73 4.80 10.06 -18.98
N GLU C 74 4.97 10.13 -20.28
CA GLU C 74 6.20 9.66 -20.92
C GLU C 74 7.38 10.49 -20.46
N TYR C 75 7.17 11.80 -20.42
CA TYR C 75 8.21 12.78 -20.12
C TYR C 75 8.69 12.63 -18.70
N LEU C 76 7.77 12.29 -17.80
CA LEU C 76 8.11 12.05 -16.41
C LEU C 76 8.80 10.72 -16.19
N LYS C 77 8.86 9.90 -17.24
CA LYS C 77 9.54 8.61 -17.17
C LYS C 77 10.88 8.65 -17.88
N THR C 78 11.13 9.70 -18.66
CA THR C 78 12.41 9.77 -19.36
C THR C 78 13.47 10.50 -18.52
N LEU C 79 13.10 11.66 -17.95
CA LEU C 79 14.08 12.49 -17.29
C LEU C 79 14.68 11.77 -16.08
N PRO C 80 15.92 12.09 -15.74
CA PRO C 80 16.59 11.35 -14.67
C PRO C 80 16.06 11.75 -13.34
N PRO C 81 15.93 10.78 -12.45
CA PRO C 81 15.26 11.02 -11.15
C PRO C 81 15.80 12.19 -10.33
N TRP C 82 17.08 12.57 -10.46
CA TRP C 82 17.54 13.76 -9.73
C TRP C 82 16.89 15.04 -10.25
N ARG C 83 16.39 14.98 -11.47
CA ARG C 83 15.71 16.11 -12.06
C ARG C 83 14.21 16.10 -11.69
N LEU C 84 13.66 14.92 -11.42
CA LEU C 84 12.25 14.74 -11.08
C LEU C 84 11.76 15.67 -9.98
N ARG C 85 12.39 15.59 -8.82
CA ARG C 85 11.93 16.38 -7.69
C ARG C 85 11.99 17.88 -8.03
N GLU C 86 13.00 18.32 -8.79
CA GLU C 86 13.10 19.71 -9.27
C GLU C 86 11.88 20.15 -10.04
N ILE C 87 11.60 19.43 -11.11
CA ILE C 87 10.50 19.72 -12.01
C ILE C 87 9.17 19.62 -11.30
N LEU C 88 9.02 18.59 -10.48
CA LEU C 88 7.80 18.42 -9.72
C LEU C 88 7.61 19.58 -8.74
N GLU C 89 8.71 20.06 -8.16
CA GLU C 89 8.60 21.13 -7.18
C GLU C 89 8.42 22.50 -7.81
N GLU C 90 8.63 22.56 -9.12
CA GLU C 90 8.44 23.79 -9.87
C GLU C 90 7.03 23.94 -10.43
N LEU C 91 6.36 22.82 -10.69
CA LEU C 91 5.00 22.84 -11.22
C LEU C 91 4.05 23.61 -10.34
N SER C 92 3.19 24.42 -10.95
CA SER C 92 2.10 25.00 -10.22
C SER C 92 1.24 23.86 -9.75
N LEU C 93 0.60 24.01 -8.60
CA LEU C 93 -0.10 22.86 -8.08
C LEU C 93 -1.20 22.38 -9.03
N ASP C 94 -1.87 23.31 -9.72
CA ASP C 94 -2.92 22.89 -10.65
C ASP C 94 -2.34 21.97 -11.72
N ASP C 95 -1.20 22.38 -12.30
CA ASP C 95 -0.57 21.61 -13.34
C ASP C 95 0.06 20.30 -12.84
N LEU C 96 0.56 20.32 -11.61
CA LEU C 96 1.14 19.12 -11.01
C LEU C 96 0.10 18.01 -10.91
N ALA C 97 -1.10 18.34 -10.41
CA ALA C 97 -2.16 17.35 -10.29
C ALA C 97 -2.49 16.74 -11.63
N ASP C 98 -2.66 17.57 -12.65
CA ASP C 98 -2.98 17.09 -13.98
C ASP C 98 -1.88 16.14 -14.49
N ALA C 99 -0.63 16.44 -14.18
CA ALA C 99 0.49 15.62 -14.63
C ALA C 99 0.50 14.24 -13.98
N LEU C 100 0.31 14.20 -12.67
CA LEU C 100 0.22 12.95 -11.94
C LEU C 100 -0.96 12.08 -12.38
N GLN C 101 -2.09 12.73 -12.67
CA GLN C 101 -3.28 12.05 -13.13
C GLN C 101 -3.00 11.39 -14.46
N ALA C 102 -2.31 12.11 -15.33
CA ALA C 102 -1.90 11.58 -16.62
C ALA C 102 -1.09 10.31 -16.44
N VAL C 103 -0.19 10.34 -15.46
CA VAL C 103 0.69 9.21 -15.17
C VAL C 103 -0.09 8.04 -14.63
N ARG C 104 -0.99 8.32 -13.70
CA ARG C 104 -1.72 7.26 -13.02
C ARG C 104 -2.63 6.52 -14.01
N LYS C 105 -3.04 7.18 -15.06
CA LYS C 105 -3.95 6.58 -16.04
C LYS C 105 -3.28 5.39 -16.68
N GLU C 106 -1.97 5.50 -16.83
CA GLU C 106 -1.17 4.49 -17.48
C GLU C 106 -0.42 3.59 -16.50
N ASP C 107 0.02 4.18 -15.39
CA ASP C 107 0.92 3.50 -14.44
C ASP C 107 0.71 4.00 -13.00
N PRO C 108 -0.24 3.41 -12.26
CA PRO C 108 -0.55 3.86 -10.89
C PRO C 108 0.60 3.63 -9.92
N ALA C 109 1.44 2.64 -10.21
CA ALA C 109 2.63 2.40 -9.40
C ALA C 109 3.56 3.61 -9.43
N TYR C 110 3.82 4.10 -10.65
CA TYR C 110 4.71 5.24 -10.84
C TYR C 110 4.12 6.52 -10.28
N PHE C 111 2.80 6.65 -10.37
CA PHE C 111 2.07 7.75 -9.76
C PHE C 111 2.36 7.81 -8.26
N GLN C 112 2.35 6.63 -7.65
CA GLN C 112 2.64 6.46 -6.24
C GLN C 112 4.06 6.86 -5.90
N ARG C 113 4.98 6.47 -6.77
CA ARG C 113 6.40 6.78 -6.62
C ARG C 113 6.68 8.27 -6.67
N LEU C 114 6.04 8.93 -7.63
CA LEU C 114 6.24 10.36 -7.87
C LEU C 114 5.82 11.12 -6.65
N LYS C 115 4.64 10.73 -6.17
CA LYS C 115 4.09 11.37 -4.99
C LYS C 115 5.00 11.14 -3.81
N ASP C 116 5.66 9.98 -3.75
CA ASP C 116 6.61 9.75 -2.67
C ASP C 116 7.70 10.81 -2.73
N LEU C 117 8.09 11.25 -3.92
CA LEU C 117 9.17 12.24 -4.12
C LEU C 117 8.82 13.65 -3.66
N LEU C 118 7.55 13.92 -3.46
CA LEU C 118 7.16 15.28 -3.11
C LEU C 118 7.59 15.67 -1.72
N ASP C 119 7.79 16.96 -1.53
CA ASP C 119 7.82 17.58 -0.23
C ASP C 119 6.49 17.23 0.44
N PRO C 120 6.49 17.01 1.77
CA PRO C 120 5.23 16.61 2.41
C PRO C 120 4.05 17.56 2.19
N ARG C 121 4.29 18.87 2.15
CA ARG C 121 3.19 19.81 2.00
C ARG C 121 2.68 19.83 0.58
N THR C 122 3.58 19.84 -0.39
CA THR C 122 3.20 19.78 -1.80
C THR C 122 2.34 18.50 -2.02
N ARG C 123 2.70 17.41 -1.37
CA ARG C 123 1.93 16.20 -1.55
C ARG C 123 0.53 16.44 -0.98
N ALA C 124 0.50 17.08 0.18
CA ALA C 124 -0.74 17.41 0.84
C ALA C 124 -1.58 18.26 -0.07
N GLU C 125 -0.94 19.28 -0.59
CA GLU C 125 -1.61 20.23 -1.46
C GLU C 125 -2.16 19.52 -2.71
N VAL C 126 -1.32 18.74 -3.38
CA VAL C 126 -1.76 18.04 -4.58
C VAL C 126 -2.83 17.05 -4.26
N GLU C 127 -2.64 16.31 -3.17
CA GLU C 127 -3.61 15.29 -2.80
C GLU C 127 -5.02 15.83 -2.60
N ALA C 128 -5.15 17.05 -2.08
CA ALA C 128 -6.45 17.68 -1.96
C ALA C 128 -7.10 17.91 -3.32
N LEU C 129 -6.29 18.46 -4.24
CA LEU C 129 -6.74 18.84 -5.57
C LEU C 129 -7.13 17.59 -6.38
N ALA C 130 -6.44 16.50 -6.10
CA ALA C 130 -6.62 15.28 -6.87
C ALA C 130 -8.00 14.66 -6.68
N ARG C 131 -8.65 15.00 -5.57
CA ARG C 131 -9.96 14.43 -5.22
C ARG C 131 -11.09 14.98 -6.11
N TYR C 132 -10.87 16.12 -6.72
CA TYR C 132 -11.88 16.80 -7.53
C TYR C 132 -11.98 16.31 -9.01
N GLU C 133 -13.14 16.54 -9.63
CA GLU C 133 -13.36 16.15 -11.03
C GLU C 133 -12.50 17.05 -11.88
N GLU C 134 -11.82 16.45 -12.84
CA GLU C 134 -10.87 17.15 -13.68
C GLU C 134 -11.57 18.28 -14.43
N ASP C 135 -12.87 18.14 -14.66
CA ASP C 135 -13.61 19.14 -15.40
C ASP C 135 -14.55 19.94 -14.51
N GLU C 136 -14.26 20.00 -13.22
CA GLU C 136 -15.01 20.90 -12.39
C GLU C 136 -14.01 21.87 -11.80
N ALA C 137 -14.50 22.87 -11.06
CA ALA C 137 -13.62 23.94 -10.58
C ALA C 137 -12.44 23.46 -9.74
N GLY C 138 -12.73 22.52 -8.86
CA GLY C 138 -11.72 21.98 -7.97
C GLY C 138 -10.62 21.34 -8.77
N GLY C 139 -10.98 20.68 -9.86
CA GLY C 139 -9.99 20.05 -10.71
C GLY C 139 -9.15 21.07 -11.47
N LEU C 140 -9.64 22.31 -11.53
CA LEU C 140 -8.98 23.33 -12.32
C LEU C 140 -8.22 24.35 -11.50
N MET C 141 -8.62 24.49 -10.25
CA MET C 141 -8.06 25.51 -9.38
C MET C 141 -6.65 25.18 -8.94
N THR C 142 -6.01 26.19 -8.40
CA THR C 142 -4.69 26.09 -7.82
C THR C 142 -4.82 26.81 -6.49
N PRO C 143 -4.19 26.26 -5.44
CA PRO C 143 -4.29 26.89 -4.11
C PRO C 143 -3.28 28.02 -3.93
N GLU C 144 -2.43 28.25 -4.94
CA GLU C 144 -1.38 29.24 -4.84
C GLU C 144 -1.89 30.66 -5.14
N TYR C 145 -2.76 31.16 -4.24
CA TYR C 145 -3.31 32.50 -4.31
C TYR C 145 -2.89 33.28 -3.09
N VAL C 146 -3.23 34.58 -3.04
CA VAL C 146 -2.89 35.40 -1.86
C VAL C 146 -4.13 35.73 -1.02
N ALA C 147 -4.08 35.35 0.26
CA ALA C 147 -5.16 35.67 1.17
C ALA C 147 -4.63 36.56 2.28
N VAL C 148 -5.45 37.51 2.69
CA VAL C 148 -5.09 38.47 3.73
C VAL C 148 -6.28 38.67 4.67
N ARG C 149 -6.08 39.45 5.73
CA ARG C 149 -7.16 39.70 6.69
C ARG C 149 -7.75 41.08 6.46
N GLU C 150 -8.94 41.33 7.02
CA GLU C 150 -9.66 42.55 6.70
C GLU C 150 -9.01 43.78 7.33
N GLY C 151 -8.34 43.56 8.47
CA GLY C 151 -7.80 44.66 9.25
C GLY C 151 -6.51 45.22 8.70
N MET C 152 -5.85 44.49 7.80
CA MET C 152 -4.57 44.95 7.29
C MET C 152 -4.77 46.22 6.49
N THR C 153 -3.75 47.05 6.49
CA THR C 153 -3.76 48.27 5.70
C THR C 153 -3.01 48.00 4.39
N VAL C 154 -3.18 48.90 3.44
CA VAL C 154 -2.63 48.71 2.11
C VAL C 154 -1.12 48.42 2.09
N GLU C 155 -0.34 49.19 2.85
CA GLU C 155 1.11 49.03 2.82
C GLU C 155 1.45 47.64 3.28
N GLU C 156 0.66 47.15 4.23
CA GLU C 156 0.94 45.86 4.82
C GLU C 156 0.72 44.79 3.76
N VAL C 157 -0.34 44.98 2.95
CA VAL C 157 -0.69 44.02 1.91
C VAL C 157 0.37 43.95 0.84
N LEU C 158 0.87 45.12 0.46
CA LEU C 158 1.94 45.25 -0.53
C LEU C 158 3.20 44.55 -0.05
N ARG C 159 3.53 44.73 1.22
CA ARG C 159 4.67 44.03 1.80
C ARG C 159 4.49 42.55 1.62
N PHE C 160 3.26 42.08 1.81
CA PHE C 160 3.01 40.66 1.75
C PHE C 160 3.20 40.20 0.33
N LEU C 161 2.59 40.94 -0.57
CA LEU C 161 2.63 40.64 -1.99
C LEU C 161 4.05 40.58 -2.55
N ARG C 162 4.99 41.29 -1.92
CA ARG C 162 6.34 41.30 -2.48
C ARG C 162 7.15 40.07 -2.07
N ARG C 163 6.60 39.22 -1.22
CA ARG C 163 7.27 37.96 -0.93
C ARG C 163 6.27 36.85 -1.10
N ALA C 164 5.05 37.25 -1.47
CA ALA C 164 4.01 36.31 -1.81
C ALA C 164 4.14 36.04 -3.28
N ALA C 165 4.65 37.04 -4.00
CA ALA C 165 4.84 36.98 -5.44
C ALA C 165 5.62 35.75 -5.96
N PRO C 166 6.78 35.42 -5.37
CA PRO C 166 7.60 34.37 -5.99
C PRO C 166 6.84 33.07 -6.30
N ASP C 167 5.86 32.75 -5.46
CA ASP C 167 5.13 31.48 -5.54
C ASP C 167 3.64 31.62 -5.90
N ALA C 168 3.10 32.81 -5.74
CA ALA C 168 1.70 32.98 -6.02
C ALA C 168 1.46 32.74 -7.51
N GLU C 169 0.28 32.20 -7.84
CA GLU C 169 -0.16 32.03 -9.22
C GLU C 169 -0.28 33.39 -9.89
N THR C 170 -0.96 34.28 -9.20
CA THR C 170 -1.12 35.67 -9.59
C THR C 170 -1.17 36.54 -8.36
N ILE C 171 -0.77 37.80 -8.52
CA ILE C 171 -0.80 38.71 -7.41
C ILE C 171 -1.74 39.90 -7.71
N TYR C 172 -2.38 39.87 -8.88
CA TYR C 172 -3.26 40.96 -9.29
C TYR C 172 -4.56 40.94 -8.57
N TYR C 173 -4.96 39.77 -8.12
CA TYR C 173 -6.15 39.74 -7.30
C TYR C 173 -5.82 39.19 -5.93
N ILE C 174 -6.21 39.95 -4.92
CA ILE C 174 -5.99 39.60 -3.53
C ILE C 174 -7.32 39.27 -2.86
N TYR C 175 -7.40 38.11 -2.24
CA TYR C 175 -8.65 37.70 -1.64
C TYR C 175 -8.64 37.89 -0.12
N VAL C 176 -9.80 38.18 0.46
CA VAL C 176 -9.87 38.53 1.89
C VAL C 176 -10.69 37.51 2.67
N VAL C 177 -10.06 36.86 3.63
CA VAL C 177 -10.75 35.89 4.47
C VAL C 177 -10.70 36.29 5.96
N ASP C 178 -11.51 35.61 6.78
CA ASP C 178 -11.56 35.91 8.22
C ASP C 178 -10.80 34.89 9.04
N GLU C 179 -11.05 34.91 10.35
CA GLU C 179 -10.43 33.99 11.29
C GLU C 179 -10.50 32.51 10.88
N LYS C 180 -11.66 32.06 10.40
CA LYS C 180 -11.80 30.66 9.98
C LYS C 180 -11.56 30.43 8.48
N GLY C 181 -11.39 31.51 7.73
CA GLY C 181 -11.07 31.41 6.32
C GLY C 181 -12.19 31.39 5.27
N ARG C 182 -13.38 31.83 5.65
CA ARG C 182 -14.46 31.98 4.68
C ARG C 182 -14.23 33.27 3.85
N LEU C 183 -14.62 33.26 2.59
CA LEU C 183 -14.40 34.41 1.70
C LEU C 183 -15.03 35.69 2.23
N LYS C 184 -14.30 36.81 2.23
CA LYS C 184 -14.94 38.04 2.67
C LYS C 184 -14.93 39.17 1.68
N GLY C 185 -13.96 39.18 0.82
CA GLY C 185 -13.92 40.26 -0.14
C GLY C 185 -12.82 40.03 -1.10
N VAL C 186 -12.85 40.79 -2.18
CA VAL C 186 -11.86 40.61 -3.22
C VAL C 186 -11.30 41.98 -3.51
N LEU C 187 -10.03 42.00 -3.83
CA LEU C 187 -9.37 43.24 -4.03
C LEU C 187 -8.34 43.16 -5.15
N SER C 188 -8.16 44.25 -5.88
CA SER C 188 -7.21 44.20 -6.98
C SER C 188 -5.90 44.85 -6.57
N LEU C 189 -4.83 44.49 -7.26
CA LEU C 189 -3.54 45.13 -7.06
C LEU C 189 -3.65 46.61 -7.45
N ARG C 190 -4.46 46.86 -8.47
CA ARG C 190 -4.70 48.19 -8.97
C ARG C 190 -5.40 49.05 -7.94
N ASP C 191 -6.31 48.42 -7.20
CA ASP C 191 -6.98 49.09 -6.11
C ASP C 191 -6.00 49.47 -5.04
N LEU C 192 -5.06 48.57 -4.77
CA LEU C 192 -4.06 48.85 -3.74
C LEU C 192 -3.21 50.08 -4.12
N ILE C 193 -2.82 50.15 -5.39
CA ILE C 193 -1.93 51.20 -5.88
C ILE C 193 -2.56 52.59 -5.95
N VAL C 194 -3.81 52.67 -6.38
CA VAL C 194 -4.50 53.95 -6.44
C VAL C 194 -4.74 54.45 -5.02
N ALA C 195 -4.80 53.51 -4.07
CA ALA C 195 -5.18 53.80 -2.69
C ALA C 195 -4.06 54.27 -1.77
N ASP C 196 -4.50 54.87 -0.65
CA ASP C 196 -3.66 55.41 0.40
C ASP C 196 -3.08 54.27 1.24
N PRO C 197 -1.75 54.27 1.48
CA PRO C 197 -1.01 53.18 2.16
C PRO C 197 -1.50 52.82 3.57
N ARG C 198 -2.16 53.74 4.26
CA ARG C 198 -2.72 53.40 5.56
C ARG C 198 -4.20 53.14 5.52
N THR C 199 -4.81 53.16 4.33
CA THR C 199 -6.20 52.76 4.24
C THR C 199 -6.33 51.26 4.54
N ARG C 200 -7.28 50.90 5.38
CA ARG C 200 -7.50 49.50 5.68
C ARG C 200 -8.16 48.82 4.51
N VAL C 201 -7.89 47.52 4.38
CA VAL C 201 -8.38 46.72 3.27
C VAL C 201 -9.89 46.73 3.24
N ALA C 202 -10.51 46.70 4.42
CA ALA C 202 -11.94 46.54 4.53
C ALA C 202 -12.76 47.67 3.89
N GLU C 203 -12.11 48.77 3.51
CA GLU C 203 -12.86 49.88 2.91
C GLU C 203 -12.57 49.99 1.43
N ILE C 204 -11.70 49.11 0.95
CA ILE C 204 -11.34 49.12 -0.45
C ILE C 204 -11.84 47.83 -1.09
N MET C 205 -11.92 46.77 -0.30
CA MET C 205 -12.35 45.49 -0.82
C MET C 205 -13.81 45.54 -1.24
N ASN C 206 -14.13 44.67 -2.20
CA ASN C 206 -15.50 44.42 -2.65
C ASN C 206 -16.06 43.20 -1.93
N PRO C 207 -17.08 43.43 -1.07
CA PRO C 207 -17.76 42.44 -0.24
C PRO C 207 -18.71 41.49 -0.96
N LYS C 208 -19.30 41.94 -2.07
CA LYS C 208 -20.18 41.05 -2.81
C LYS C 208 -19.33 40.27 -3.81
N VAL C 209 -18.63 39.24 -3.33
CA VAL C 209 -17.72 38.46 -4.19
C VAL C 209 -18.44 37.39 -5.02
N VAL C 210 -18.10 37.30 -6.31
CA VAL C 210 -18.58 36.20 -7.14
C VAL C 210 -17.60 35.06 -7.02
N TYR C 211 -18.15 33.91 -6.61
CA TYR C 211 -17.36 32.73 -6.34
C TYR C 211 -17.90 31.55 -7.09
N VAL C 212 -17.19 30.44 -6.95
CA VAL C 212 -17.46 29.21 -7.65
C VAL C 212 -17.22 28.06 -6.67
N ARG C 213 -18.07 27.02 -6.71
CA ARG C 213 -17.93 25.92 -5.77
C ARG C 213 -16.98 24.90 -6.36
N THR C 214 -16.40 24.04 -5.54
CA THR C 214 -15.44 23.09 -6.07
C THR C 214 -16.07 22.15 -7.08
N ASP C 215 -17.37 21.85 -6.95
CA ASP C 215 -18.09 20.98 -7.91
C ASP C 215 -18.64 21.73 -9.16
N THR C 216 -18.43 23.04 -9.22
CA THR C 216 -18.92 23.85 -10.34
C THR C 216 -18.37 23.39 -11.69
N ASP C 217 -19.25 23.29 -12.69
CA ASP C 217 -18.77 22.79 -13.96
C ASP C 217 -17.86 23.81 -14.60
N GLN C 218 -16.86 23.34 -15.33
CA GLN C 218 -15.90 24.20 -15.97
C GLN C 218 -16.51 25.17 -17.00
N GLU C 219 -17.54 24.76 -17.73
CA GLU C 219 -18.09 25.69 -18.72
C GLU C 219 -18.90 26.79 -18.05
N GLU C 220 -19.44 26.49 -16.87
CA GLU C 220 -20.11 27.51 -16.04
C GLU C 220 -19.07 28.50 -15.51
N VAL C 221 -17.90 27.99 -15.14
CA VAL C 221 -16.73 28.83 -14.84
C VAL C 221 -16.34 29.72 -16.02
N ALA C 222 -16.48 29.19 -17.22
CA ALA C 222 -16.08 29.95 -18.37
C ALA C 222 -17.06 31.08 -18.59
N ARG C 223 -18.36 30.77 -18.51
CA ARG C 223 -19.42 31.79 -18.66
C ARG C 223 -19.28 32.91 -17.67
N LEU C 224 -19.04 32.53 -16.44
CA LEU C 224 -18.98 33.44 -15.31
C LEU C 224 -17.81 34.38 -15.52
N MET C 225 -16.75 33.78 -16.07
CA MET C 225 -15.51 34.45 -16.31
C MET C 225 -15.74 35.46 -17.43
N ALA C 226 -16.61 35.11 -18.37
CA ALA C 226 -16.86 35.95 -19.54
C ALA C 226 -17.90 37.02 -19.26
N ASP C 227 -18.85 36.71 -18.38
CA ASP C 227 -19.91 37.63 -17.98
C ASP C 227 -19.36 38.76 -17.18
N TYR C 228 -18.70 38.42 -16.10
CA TYR C 228 -18.18 39.42 -15.18
C TYR C 228 -16.88 39.98 -15.73
N ASP C 229 -16.40 39.40 -16.82
CA ASP C 229 -15.16 39.84 -17.44
C ASP C 229 -14.04 39.87 -16.35
N PHE C 230 -13.91 38.76 -15.60
CA PHE C 230 -12.77 38.48 -14.71
C PHE C 230 -11.75 37.47 -15.29
N THR C 231 -10.47 37.61 -14.96
CA THR C 231 -9.47 36.65 -15.43
C THR C 231 -9.14 35.60 -14.38
N VAL C 232 -9.56 35.82 -13.16
CA VAL C 232 -9.34 34.87 -12.10
C VAL C 232 -10.64 34.80 -11.34
N LEU C 233 -10.94 33.60 -10.86
CA LEU C 233 -12.17 33.31 -10.17
C LEU C 233 -11.89 32.51 -8.90
N PRO C 234 -12.46 32.93 -7.76
CA PRO C 234 -12.23 32.21 -6.50
C PRO C 234 -13.15 30.98 -6.40
N VAL C 235 -12.61 29.92 -5.77
CA VAL C 235 -13.30 28.64 -5.57
C VAL C 235 -13.45 28.42 -4.07
N VAL C 236 -14.64 28.03 -3.60
CA VAL C 236 -14.82 27.80 -2.16
C VAL C 236 -15.35 26.41 -1.84
N ASP C 237 -15.18 25.96 -0.61
CA ASP C 237 -15.74 24.67 -0.25
C ASP C 237 -17.16 24.86 0.28
N GLU C 238 -17.75 23.79 0.81
CA GLU C 238 -19.16 23.81 1.21
C GLU C 238 -19.38 24.69 2.42
N GLU C 239 -18.31 24.95 3.17
CA GLU C 239 -18.40 25.82 4.34
C GLU C 239 -18.03 27.28 4.00
N GLY C 240 -17.98 27.61 2.71
CA GLY C 240 -17.70 28.98 2.29
C GLY C 240 -16.25 29.44 2.40
N ARG C 241 -15.35 28.49 2.60
CA ARG C 241 -13.92 28.79 2.73
C ARG C 241 -13.17 28.79 1.38
N LEU C 242 -12.40 29.85 1.15
CA LEU C 242 -11.59 29.93 -0.04
C LEU C 242 -10.58 28.79 -0.04
N VAL C 243 -10.63 27.95 -1.08
CA VAL C 243 -9.76 26.81 -1.21
C VAL C 243 -8.89 26.90 -2.45
N GLY C 244 -9.24 27.79 -3.38
CA GLY C 244 -8.41 27.96 -4.58
C GLY C 244 -8.83 29.08 -5.52
N ILE C 245 -8.08 29.26 -6.60
CA ILE C 245 -8.50 30.17 -7.68
C ILE C 245 -8.35 29.46 -9.03
N VAL C 246 -9.27 29.76 -9.95
CA VAL C 246 -9.18 29.26 -11.31
C VAL C 246 -8.77 30.39 -12.28
N THR C 247 -7.62 30.25 -12.93
CA THR C 247 -7.23 31.33 -13.83
C THR C 247 -7.73 31.02 -15.22
N VAL C 248 -8.00 32.10 -15.96
CA VAL C 248 -8.64 32.09 -17.27
C VAL C 248 -7.83 31.40 -18.38
N ASP C 249 -6.53 31.31 -18.22
CA ASP C 249 -5.72 30.61 -19.20
C ASP C 249 -6.10 29.15 -19.21
N ASP C 250 -6.29 28.60 -18.02
CA ASP C 250 -6.66 27.19 -17.87
C ASP C 250 -8.12 26.91 -18.28
N VAL C 251 -8.91 27.97 -18.40
CA VAL C 251 -10.28 27.82 -18.86
C VAL C 251 -10.38 27.94 -20.38
N LEU C 252 -9.53 28.76 -20.98
CA LEU C 252 -9.38 28.82 -22.45
C LEU C 252 -8.92 27.45 -22.95
N ASP C 253 -8.14 26.75 -22.15
CA ASP C 253 -7.62 25.46 -22.55
C ASP C 253 -8.62 24.33 -22.51
N VAL C 254 -9.82 24.57 -22.00
CA VAL C 254 -10.89 23.62 -22.24
C VAL C 254 -11.54 24.00 -23.58
N LEU C 255 -11.20 25.21 -24.03
CA LEU C 255 -11.81 25.86 -25.21
C LEU C 255 -13.29 26.08 -24.90
N LEU D 8 6.06 -46.71 -11.74
CA LEU D 8 4.96 -45.79 -11.46
C LEU D 8 5.26 -44.37 -11.95
N ALA D 9 6.53 -44.01 -12.02
CA ALA D 9 6.92 -42.73 -12.63
C ALA D 9 6.45 -42.68 -14.07
N VAL D 10 6.69 -43.76 -14.81
CA VAL D 10 6.20 -43.82 -16.19
C VAL D 10 4.68 -43.93 -16.18
N SER D 11 4.13 -44.49 -15.10
CA SER D 11 2.68 -44.68 -15.02
C SER D 11 1.89 -43.38 -15.06
N LEU D 12 2.39 -42.32 -14.43
CA LEU D 12 1.76 -41.02 -14.64
C LEU D 12 2.13 -40.54 -16.04
N GLN D 13 3.40 -40.63 -16.42
CA GLN D 13 3.82 -40.14 -17.73
C GLN D 13 3.05 -40.89 -18.80
N GLU D 14 2.72 -42.14 -18.51
CA GLU D 14 1.85 -42.90 -19.39
C GLU D 14 0.56 -42.09 -19.44
N ALA D 15 -0.03 -41.81 -18.26
CA ALA D 15 -1.27 -41.06 -18.16
C ALA D 15 -1.10 -39.61 -18.63
N LEU D 16 0.07 -39.04 -18.39
CA LEU D 16 0.41 -37.68 -18.85
C LEU D 16 0.34 -37.56 -20.36
N GLN D 17 1.01 -38.47 -21.03
CA GLN D 17 1.06 -38.49 -22.48
C GLN D 17 -0.31 -38.80 -23.07
N GLU D 18 -1.10 -39.61 -22.34
CA GLU D 18 -2.44 -40.03 -22.78
C GLU D 18 -3.36 -38.85 -23.09
N GLY D 19 -3.03 -37.70 -22.50
CA GLY D 19 -3.76 -36.47 -22.68
C GLY D 19 -5.13 -36.44 -22.04
N ASP D 20 -5.81 -37.59 -21.89
CA ASP D 20 -7.11 -37.53 -21.24
C ASP D 20 -6.93 -37.71 -19.74
N THR D 21 -7.53 -36.76 -19.04
CA THR D 21 -7.40 -36.59 -17.61
C THR D 21 -7.91 -37.76 -16.81
N ARG D 22 -8.93 -38.42 -17.33
CA ARG D 22 -9.65 -39.40 -16.53
C ARG D 22 -8.66 -40.48 -16.05
N ALA D 23 -7.80 -40.96 -16.95
CA ALA D 23 -6.75 -41.93 -16.62
C ALA D 23 -5.71 -41.35 -15.67
N LEU D 24 -5.44 -40.07 -15.84
CA LEU D 24 -4.47 -39.38 -15.02
C LEU D 24 -4.98 -39.14 -13.61
N ARG D 25 -6.26 -38.81 -13.50
CA ARG D 25 -6.88 -38.50 -12.23
C ARG D 25 -6.92 -39.72 -11.29
N GLU D 26 -7.00 -40.93 -11.84
CA GLU D 26 -7.08 -42.14 -11.00
C GLU D 26 -5.72 -42.58 -10.46
N VAL D 27 -4.64 -42.24 -11.17
CA VAL D 27 -3.29 -42.50 -10.69
C VAL D 27 -2.96 -41.51 -9.60
N LEU D 28 -3.28 -40.24 -9.85
CA LEU D 28 -2.97 -39.18 -8.89
C LEU D 28 -3.66 -39.38 -7.58
N GLU D 29 -4.86 -39.93 -7.61
CA GLU D 29 -5.61 -40.05 -6.36
C GLU D 29 -5.05 -41.20 -5.55
N GLU D 30 -4.17 -42.00 -6.14
CA GLU D 30 -3.48 -43.02 -5.36
C GLU D 30 -1.95 -42.86 -5.33
N ILE D 31 -1.40 -41.87 -6.02
CA ILE D 31 0.04 -41.62 -5.90
C ILE D 31 0.33 -40.95 -4.56
N HIS D 32 1.41 -41.38 -3.90
CA HIS D 32 1.81 -40.73 -2.67
C HIS D 32 2.57 -39.44 -2.93
N PRO D 33 2.33 -38.40 -2.11
CA PRO D 33 3.01 -37.12 -2.28
C PRO D 33 4.54 -37.26 -2.43
N GLN D 34 5.14 -38.08 -1.59
CA GLN D 34 6.59 -38.25 -1.61
C GLN D 34 7.03 -38.90 -2.92
N ASP D 35 6.24 -39.83 -3.43
CA ASP D 35 6.56 -40.48 -4.69
C ASP D 35 6.33 -39.49 -5.83
N LEU D 36 5.49 -38.49 -5.60
CA LEU D 36 5.32 -37.43 -6.57
C LEU D 36 6.46 -36.42 -6.39
N LEU D 37 6.86 -36.21 -5.15
CA LEU D 37 7.98 -35.32 -4.83
C LEU D 37 9.31 -35.77 -5.40
N ALA D 38 9.52 -37.08 -5.40
CA ALA D 38 10.75 -37.64 -5.93
C ALA D 38 10.86 -37.38 -7.43
N LEU D 39 9.80 -37.69 -8.18
CA LEU D 39 9.83 -37.50 -9.64
C LEU D 39 9.45 -36.09 -10.05
N TRP D 40 9.48 -35.17 -9.10
CA TRP D 40 8.93 -33.86 -9.33
C TRP D 40 9.75 -33.02 -10.30
N ASP D 41 11.06 -33.26 -10.32
CA ASP D 41 11.89 -32.42 -11.16
C ASP D 41 12.48 -33.13 -12.37
N GLU D 42 11.78 -34.13 -12.88
CA GLU D 42 11.94 -34.50 -14.27
C GLU D 42 10.66 -34.14 -15.03
N LEU D 43 9.85 -33.27 -14.44
CA LEU D 43 8.59 -32.90 -15.07
C LEU D 43 8.67 -31.50 -15.67
N LYS D 44 8.01 -31.32 -16.82
CA LYS D 44 8.14 -30.07 -17.56
C LYS D 44 6.88 -29.23 -17.40
N GLY D 45 6.97 -27.93 -17.69
CA GLY D 45 5.93 -26.95 -17.38
C GLY D 45 4.50 -27.37 -17.62
N GLU D 46 4.25 -27.92 -18.81
CA GLU D 46 2.94 -28.41 -19.15
C GLU D 46 2.57 -29.60 -18.27
N HIS D 47 3.53 -30.48 -17.94
CA HIS D 47 3.23 -31.61 -17.06
C HIS D 47 2.85 -31.10 -15.68
N ARG D 48 3.78 -30.35 -15.09
CA ARG D 48 3.62 -29.81 -13.75
C ARG D 48 2.31 -29.08 -13.68
N TYR D 49 2.02 -28.33 -14.72
CA TYR D 49 0.78 -27.56 -14.76
C TYR D 49 -0.44 -28.46 -14.67
N VAL D 50 -0.54 -29.44 -15.56
CA VAL D 50 -1.71 -30.32 -15.60
C VAL D 50 -1.85 -31.20 -14.36
N VAL D 51 -0.75 -31.75 -13.84
CA VAL D 51 -0.84 -32.57 -12.63
C VAL D 51 -1.41 -31.69 -11.52
N LEU D 52 -1.02 -30.42 -11.52
CA LEU D 52 -1.46 -29.46 -10.52
C LEU D 52 -2.80 -28.87 -10.90
N THR D 53 -3.25 -29.13 -12.13
CA THR D 53 -4.56 -28.63 -12.50
C THR D 53 -5.59 -29.34 -11.64
N LEU D 54 -5.49 -30.67 -11.52
CA LEU D 54 -6.44 -31.31 -10.62
C LEU D 54 -5.87 -32.47 -9.78
N LEU D 55 -4.68 -32.27 -9.23
CA LEU D 55 -4.20 -33.12 -8.14
C LEU D 55 -5.06 -32.74 -6.96
N PRO D 56 -5.67 -33.73 -6.28
CA PRO D 56 -6.54 -33.37 -5.15
C PRO D 56 -5.90 -32.36 -4.18
N LYS D 57 -6.68 -31.34 -3.83
CA LYS D 57 -6.17 -30.17 -3.12
C LYS D 57 -5.36 -30.51 -1.86
N ALA D 58 -5.70 -31.57 -1.15
CA ALA D 58 -4.87 -31.95 0.00
C ALA D 58 -3.47 -32.31 -0.46
N LYS D 59 -3.38 -33.09 -1.53
CA LYS D 59 -2.07 -33.55 -2.00
C LYS D 59 -1.27 -32.42 -2.63
N ALA D 60 -1.98 -31.55 -3.35
CA ALA D 60 -1.38 -30.41 -4.01
C ALA D 60 -0.70 -29.53 -2.98
N ALA D 61 -1.42 -29.29 -1.91
CA ALA D 61 -0.92 -28.50 -0.81
C ALA D 61 0.25 -29.20 -0.15
N GLU D 62 0.13 -30.52 0.03
CA GLU D 62 1.15 -31.34 0.71
C GLU D 62 2.48 -31.31 -0.03
N VAL D 63 2.43 -31.43 -1.36
CA VAL D 63 3.60 -31.37 -2.21
C VAL D 63 4.22 -29.97 -2.14
N LEU D 64 3.39 -28.95 -2.29
CA LEU D 64 3.84 -27.57 -2.17
C LEU D 64 4.70 -27.37 -0.93
N SER D 65 4.28 -27.95 0.19
CA SER D 65 4.98 -27.77 1.45
C SER D 65 6.39 -28.37 1.47
N HIS D 66 6.62 -29.38 0.63
CA HIS D 66 7.91 -30.08 0.69
C HIS D 66 8.89 -29.64 -0.42
N LEU D 67 8.45 -28.74 -1.27
CA LEU D 67 9.35 -28.20 -2.27
C LEU D 67 10.31 -27.18 -1.67
N SER D 68 11.36 -26.91 -2.41
CA SER D 68 12.34 -25.90 -2.03
C SER D 68 11.62 -24.59 -2.15
N PRO D 69 11.97 -23.61 -1.29
CA PRO D 69 11.34 -22.30 -1.35
C PRO D 69 11.31 -21.67 -2.75
N GLU D 70 12.33 -21.93 -3.57
CA GLU D 70 12.38 -21.37 -4.91
C GLU D 70 11.25 -21.93 -5.76
N GLU D 71 11.06 -23.23 -5.65
CA GLU D 71 10.03 -23.92 -6.44
C GLU D 71 8.63 -23.72 -5.87
N GLN D 72 8.54 -23.53 -4.55
CA GLN D 72 7.29 -23.13 -3.94
C GLN D 72 6.79 -21.86 -4.61
N ALA D 73 7.68 -20.88 -4.73
CA ALA D 73 7.31 -19.61 -5.31
C ALA D 73 6.90 -19.79 -6.76
N GLU D 74 7.66 -20.61 -7.47
CA GLU D 74 7.38 -20.87 -8.88
C GLU D 74 6.02 -21.53 -9.03
N TYR D 75 5.72 -22.49 -8.19
CA TYR D 75 4.46 -23.19 -8.32
C TYR D 75 3.25 -22.32 -7.96
N LEU D 76 3.40 -21.42 -6.98
CA LEU D 76 2.29 -20.55 -6.62
C LEU D 76 2.01 -19.48 -7.68
N LYS D 77 2.88 -19.39 -8.70
CA LYS D 77 2.66 -18.51 -9.85
C LYS D 77 2.26 -19.36 -11.05
N THR D 78 2.32 -20.68 -10.87
CA THR D 78 1.95 -21.63 -11.91
C THR D 78 0.47 -22.05 -11.92
N LEU D 79 -0.01 -22.49 -10.76
CA LEU D 79 -1.33 -23.07 -10.69
C LEU D 79 -2.39 -22.04 -11.06
N PRO D 80 -3.52 -22.49 -11.59
CA PRO D 80 -4.52 -21.50 -12.00
C PRO D 80 -5.20 -20.90 -10.79
N PRO D 81 -5.47 -19.61 -10.82
CA PRO D 81 -5.98 -18.90 -9.62
C PRO D 81 -7.22 -19.48 -8.94
N TRP D 82 -8.15 -20.14 -9.64
CA TRP D 82 -9.30 -20.72 -8.90
C TRP D 82 -8.83 -21.83 -7.96
N ARG D 83 -7.64 -22.33 -8.25
CA ARG D 83 -7.04 -23.38 -7.47
C ARG D 83 -6.30 -22.78 -6.25
N LEU D 84 -5.85 -21.53 -6.36
CA LEU D 84 -5.10 -20.85 -5.28
C LEU D 84 -5.71 -20.83 -3.89
N ARG D 85 -6.89 -20.27 -3.75
CA ARG D 85 -7.49 -20.18 -2.42
C ARG D 85 -7.67 -21.58 -1.79
N GLU D 86 -8.00 -22.59 -2.59
CA GLU D 86 -8.06 -23.97 -2.13
C GLU D 86 -6.74 -24.40 -1.49
N ILE D 87 -5.68 -24.31 -2.26
CA ILE D 87 -4.41 -24.83 -1.82
C ILE D 87 -3.91 -24.06 -0.61
N LEU D 88 -3.99 -22.74 -0.68
CA LEU D 88 -3.56 -21.91 0.44
C LEU D 88 -4.38 -22.19 1.70
N GLU D 89 -5.66 -22.49 1.51
CA GLU D 89 -6.50 -22.83 2.65
C GLU D 89 -6.30 -24.27 3.15
N GLU D 90 -5.64 -25.10 2.35
CA GLU D 90 -5.37 -26.47 2.77
C GLU D 90 -4.06 -26.58 3.56
N LEU D 91 -3.13 -25.68 3.28
CA LEU D 91 -1.85 -25.64 3.99
C LEU D 91 -1.97 -25.48 5.49
N SER D 92 -1.15 -26.23 6.23
CA SER D 92 -1.01 -25.96 7.66
C SER D 92 -0.42 -24.59 7.75
N LEU D 93 -0.75 -23.86 8.80
CA LEU D 93 -0.30 -22.47 8.79
C LEU D 93 1.22 -22.35 8.77
N ASP D 94 1.93 -23.24 9.47
CA ASP D 94 3.39 -23.18 9.52
C ASP D 94 3.95 -23.25 8.09
N ASP D 95 3.40 -24.17 7.31
CA ASP D 95 3.79 -24.36 5.93
C ASP D 95 3.35 -23.19 5.04
N LEU D 96 2.19 -22.61 5.38
CA LEU D 96 1.68 -21.44 4.66
C LEU D 96 2.61 -20.25 4.82
N ALA D 97 3.05 -19.97 6.04
CA ALA D 97 3.96 -18.86 6.25
C ALA D 97 5.24 -19.05 5.43
N ASP D 98 5.81 -20.25 5.49
CA ASP D 98 7.05 -20.54 4.78
C ASP D 98 6.87 -20.32 3.29
N ALA D 99 5.70 -20.68 2.78
CA ALA D 99 5.42 -20.55 1.37
C ALA D 99 5.38 -19.09 0.91
N LEU D 100 4.68 -18.27 1.68
CA LEU D 100 4.58 -16.84 1.43
C LEU D 100 5.89 -16.09 1.58
N GLN D 101 6.70 -16.48 2.57
CA GLN D 101 8.02 -15.89 2.78
C GLN D 101 8.89 -16.17 1.56
N ALA D 102 8.81 -17.42 1.10
CA ALA D 102 9.48 -17.86 -0.12
C ALA D 102 9.06 -16.98 -1.29
N VAL D 103 7.79 -16.68 -1.36
CA VAL D 103 7.26 -15.84 -2.42
C VAL D 103 7.74 -14.42 -2.31
N ARG D 104 7.69 -13.89 -1.10
CA ARG D 104 8.02 -12.48 -0.93
C ARG D 104 9.47 -12.23 -1.26
N LYS D 105 10.31 -13.27 -1.13
CA LYS D 105 11.75 -13.13 -1.33
C LYS D 105 11.99 -12.69 -2.76
N GLU D 106 11.20 -13.19 -3.71
CA GLU D 106 11.35 -12.85 -5.13
C GLU D 106 10.32 -11.81 -5.59
N ASP D 107 9.13 -11.82 -5.01
CA ASP D 107 8.04 -10.99 -5.51
C ASP D 107 7.15 -10.51 -4.36
N PRO D 108 7.51 -9.39 -3.75
CA PRO D 108 6.73 -8.85 -2.63
C PRO D 108 5.34 -8.45 -3.08
N ALA D 109 5.20 -8.08 -4.35
CA ALA D 109 3.90 -7.75 -4.91
C ALA D 109 2.95 -8.95 -4.84
N TYR D 110 3.43 -10.09 -5.33
CA TYR D 110 2.64 -11.30 -5.40
C TYR D 110 2.36 -11.84 -4.01
N PHE D 111 3.32 -11.65 -3.11
CA PHE D 111 3.13 -11.97 -1.72
C PHE D 111 1.90 -11.22 -1.17
N GLN D 112 1.80 -9.95 -1.52
CA GLN D 112 0.69 -9.12 -1.10
C GLN D 112 -0.60 -9.62 -1.74
N ARG D 113 -0.52 -9.99 -3.01
CA ARG D 113 -1.66 -10.50 -3.72
C ARG D 113 -2.22 -11.78 -3.08
N LEU D 114 -1.30 -12.68 -2.71
CA LEU D 114 -1.67 -13.97 -2.14
C LEU D 114 -2.38 -13.82 -0.83
N LYS D 115 -1.81 -12.98 0.03
CA LYS D 115 -2.41 -12.72 1.32
C LYS D 115 -3.78 -12.09 1.15
N ASP D 116 -3.94 -11.27 0.10
CA ASP D 116 -5.25 -10.69 -0.18
C ASP D 116 -6.25 -11.84 -0.38
N LEU D 117 -5.82 -12.96 -0.97
CA LEU D 117 -6.73 -14.09 -1.22
C LEU D 117 -7.21 -14.83 0.00
N LEU D 118 -6.52 -14.67 1.11
CA LEU D 118 -6.84 -15.51 2.26
C LEU D 118 -8.16 -15.14 2.91
N ASP D 119 -8.81 -16.15 3.51
CA ASP D 119 -9.87 -15.89 4.45
C ASP D 119 -9.29 -14.95 5.55
N PRO D 120 -10.09 -14.00 6.06
CA PRO D 120 -9.59 -13.00 7.02
C PRO D 120 -8.93 -13.56 8.27
N ARG D 121 -9.43 -14.68 8.78
CA ARG D 121 -8.88 -15.26 10.01
C ARG D 121 -7.54 -15.90 9.70
N THR D 122 -7.48 -16.64 8.60
CA THR D 122 -6.26 -17.30 8.15
C THR D 122 -5.16 -16.27 7.94
N ARG D 123 -5.50 -15.12 7.37
CA ARG D 123 -4.52 -14.09 7.10
C ARG D 123 -3.99 -13.59 8.43
N ALA D 124 -4.90 -13.46 9.38
CA ALA D 124 -4.56 -13.00 10.71
C ALA D 124 -3.53 -13.93 11.32
N GLU D 125 -3.83 -15.21 11.24
CA GLU D 125 -3.00 -16.25 11.80
C GLU D 125 -1.59 -16.24 11.17
N VAL D 126 -1.54 -16.25 9.84
CA VAL D 126 -0.28 -16.26 9.13
C VAL D 126 0.52 -15.01 9.42
N GLU D 127 -0.15 -13.87 9.39
CA GLU D 127 0.51 -12.61 9.64
C GLU D 127 1.21 -12.58 11.02
N ALA D 128 0.64 -13.23 12.01
CA ALA D 128 1.31 -13.33 13.29
C ALA D 128 2.57 -14.16 13.18
N LEU D 129 2.47 -15.29 12.51
CA LEU D 129 3.57 -16.24 12.41
C LEU D 129 4.69 -15.63 11.60
N ALA D 130 4.31 -14.85 10.59
CA ALA D 130 5.29 -14.31 9.67
C ALA D 130 6.21 -13.29 10.34
N ARG D 131 5.75 -12.73 11.47
CA ARG D 131 6.50 -11.71 12.21
C ARG D 131 7.74 -12.27 12.91
N TYR D 132 7.79 -13.60 13.07
CA TYR D 132 8.88 -14.29 13.77
C TYR D 132 10.08 -14.64 12.90
N GLU D 133 11.22 -14.86 13.56
CA GLU D 133 12.43 -15.25 12.84
C GLU D 133 12.24 -16.67 12.33
N GLU D 134 12.53 -16.90 11.05
CA GLU D 134 12.27 -18.22 10.48
C GLU D 134 13.03 -19.33 11.19
N ASP D 135 14.16 -19.02 11.82
CA ASP D 135 14.92 -20.06 12.46
C ASP D 135 14.79 -20.02 13.99
N GLU D 136 13.69 -19.48 14.48
CA GLU D 136 13.40 -19.58 15.92
C GLU D 136 12.07 -20.29 16.11
N ALA D 137 11.65 -20.52 17.34
CA ALA D 137 10.46 -21.31 17.54
C ALA D 137 9.25 -20.75 16.81
N GLY D 138 9.07 -19.43 16.87
CA GLY D 138 7.92 -18.81 16.27
C GLY D 138 7.89 -19.06 14.80
N GLY D 139 9.05 -19.00 14.16
CA GLY D 139 9.13 -19.22 12.72
C GLY D 139 8.84 -20.66 12.33
N LEU D 140 8.85 -21.55 13.31
CA LEU D 140 8.60 -22.96 13.08
C LEU D 140 7.25 -23.42 13.57
N MET D 141 6.67 -22.70 14.51
CA MET D 141 5.43 -23.16 15.16
C MET D 141 4.19 -23.10 14.25
N THR D 142 3.13 -23.73 14.72
CA THR D 142 1.81 -23.64 14.10
C THR D 142 0.84 -23.43 15.24
N PRO D 143 -0.20 -22.60 15.02
CA PRO D 143 -1.18 -22.32 16.06
C PRO D 143 -2.29 -23.38 16.11
N GLU D 144 -2.24 -24.34 15.18
CA GLU D 144 -3.26 -25.38 15.08
C GLU D 144 -3.03 -26.56 16.07
N TYR D 145 -3.17 -26.25 17.37
CA TYR D 145 -3.06 -27.23 18.44
C TYR D 145 -4.35 -27.30 19.23
N VAL D 146 -4.47 -28.27 20.13
CA VAL D 146 -5.69 -28.38 20.92
C VAL D 146 -5.46 -27.91 22.34
N ALA D 147 -6.23 -26.91 22.75
CA ALA D 147 -6.13 -26.36 24.09
C ALA D 147 -7.44 -26.55 24.80
N VAL D 148 -7.35 -26.82 26.10
CA VAL D 148 -8.52 -27.04 26.93
C VAL D 148 -8.31 -26.35 28.28
N ARG D 149 -9.35 -26.31 29.11
CA ARG D 149 -9.22 -25.72 30.44
C ARG D 149 -9.24 -26.79 31.51
N GLU D 150 -8.89 -26.39 32.73
CA GLU D 150 -8.58 -27.34 33.79
C GLU D 150 -9.77 -28.14 34.28
N GLY D 151 -10.95 -27.53 34.23
CA GLY D 151 -12.15 -28.11 34.79
C GLY D 151 -12.82 -29.17 33.93
N MET D 152 -12.44 -29.25 32.66
CA MET D 152 -13.12 -30.20 31.78
C MET D 152 -12.79 -31.61 32.25
N THR D 153 -13.73 -32.52 32.02
CA THR D 153 -13.53 -33.92 32.35
C THR D 153 -13.06 -34.65 31.10
N VAL D 154 -12.51 -35.85 31.29
CA VAL D 154 -11.93 -36.61 30.18
C VAL D 154 -12.90 -36.80 29.02
N GLU D 155 -14.15 -37.06 29.39
CA GLU D 155 -15.19 -37.30 28.40
C GLU D 155 -15.35 -36.07 27.53
N GLU D 156 -15.29 -34.91 28.18
CA GLU D 156 -15.53 -33.66 27.49
C GLU D 156 -14.37 -33.42 26.54
N VAL D 157 -13.18 -33.78 27.00
CA VAL D 157 -11.95 -33.60 26.24
C VAL D 157 -11.97 -34.46 24.97
N LEU D 158 -12.40 -35.70 25.10
CA LEU D 158 -12.51 -36.57 23.94
C LEU D 158 -13.54 -36.07 22.94
N ARG D 159 -14.71 -35.67 23.43
CA ARG D 159 -15.74 -35.17 22.53
C ARG D 159 -15.19 -33.92 21.83
N PHE D 160 -14.37 -33.15 22.55
CA PHE D 160 -13.81 -31.95 21.95
C PHE D 160 -12.81 -32.33 20.87
N LEU D 161 -11.90 -33.24 21.20
CA LEU D 161 -10.87 -33.68 20.26
C LEU D 161 -11.38 -34.28 18.97
N ARG D 162 -12.59 -34.85 19.00
CA ARG D 162 -13.09 -35.50 17.80
C ARG D 162 -13.71 -34.48 16.84
N ARG D 163 -13.71 -33.21 17.21
CA ARG D 163 -14.11 -32.19 16.25
C ARG D 163 -13.08 -31.09 16.18
N ALA D 164 -12.04 -31.28 16.99
CA ALA D 164 -10.85 -30.43 16.94
C ALA D 164 -9.96 -31.14 15.92
N ALA D 165 -10.22 -32.44 15.76
CA ALA D 165 -9.51 -33.34 14.88
C ALA D 165 -9.41 -32.86 13.40
N PRO D 166 -10.50 -32.40 12.78
CA PRO D 166 -10.28 -32.10 11.36
C PRO D 166 -9.12 -31.17 11.06
N ASP D 167 -8.86 -30.21 11.94
CA ASP D 167 -7.90 -29.14 11.65
C ASP D 167 -6.63 -29.08 12.49
N ALA D 168 -6.55 -29.83 13.58
CA ALA D 168 -5.37 -29.78 14.45
C ALA D 168 -4.13 -30.37 13.75
N GLU D 169 -2.94 -29.86 14.07
CA GLU D 169 -1.70 -30.47 13.59
C GLU D 169 -1.57 -31.87 14.17
N THR D 170 -1.75 -31.96 15.49
CA THR D 170 -1.76 -33.26 16.18
C THR D 170 -2.72 -33.19 17.38
N ILE D 171 -3.29 -34.33 17.76
CA ILE D 171 -4.19 -34.38 18.91
C ILE D 171 -3.65 -35.30 20.01
N TYR D 172 -2.44 -35.81 19.81
CA TYR D 172 -1.82 -36.74 20.75
C TYR D 172 -1.37 -36.00 22.00
N TYR D 173 -1.13 -34.71 21.86
CA TYR D 173 -0.84 -33.92 23.01
C TYR D 173 -1.86 -32.79 23.11
N ILE D 174 -2.47 -32.68 24.28
CA ILE D 174 -3.48 -31.68 24.54
C ILE D 174 -2.97 -30.71 25.56
N TYR D 175 -2.98 -29.42 25.26
CA TYR D 175 -2.41 -28.44 26.20
C TYR D 175 -3.51 -27.77 27.00
N VAL D 176 -3.22 -27.42 28.25
CA VAL D 176 -4.25 -26.81 29.10
C VAL D 176 -3.80 -25.44 29.59
N VAL D 177 -4.63 -24.46 29.25
CA VAL D 177 -4.43 -23.08 29.65
C VAL D 177 -5.59 -22.59 30.53
N ASP D 178 -5.44 -21.41 31.11
CA ASP D 178 -6.46 -20.86 31.98
C ASP D 178 -7.33 -19.83 31.27
N GLU D 179 -8.06 -19.04 32.06
CA GLU D 179 -8.88 -17.94 31.55
C GLU D 179 -8.05 -17.00 30.65
N LYS D 180 -6.80 -16.73 31.06
CA LYS D 180 -5.96 -15.76 30.37
C LYS D 180 -5.18 -16.39 29.22
N GLY D 181 -5.22 -17.71 29.15
CA GLY D 181 -4.58 -18.43 28.07
C GLY D 181 -3.11 -18.72 28.31
N ARG D 182 -2.67 -18.59 29.56
CA ARG D 182 -1.30 -18.96 29.91
C ARG D 182 -1.18 -20.47 30.14
N LEU D 183 -0.03 -21.04 29.76
CA LEU D 183 0.21 -22.48 29.92
C LEU D 183 0.12 -22.95 31.37
N LYS D 184 -0.66 -23.98 31.64
CA LYS D 184 -0.74 -24.54 32.99
C LYS D 184 -0.52 -26.05 33.06
N GLY D 185 -0.64 -26.75 31.94
CA GLY D 185 -0.38 -28.19 31.95
C GLY D 185 -0.37 -28.89 30.60
N VAL D 186 0.12 -30.12 30.58
CA VAL D 186 0.16 -30.88 29.34
C VAL D 186 -0.35 -32.31 29.59
N LEU D 187 -1.04 -32.84 28.58
CA LEU D 187 -1.61 -34.14 28.70
C LEU D 187 -1.56 -34.91 27.37
N SER D 188 -1.42 -36.23 27.44
CA SER D 188 -1.33 -37.01 26.22
C SER D 188 -2.67 -37.66 25.91
N LEU D 189 -2.86 -38.03 24.65
CA LEU D 189 -4.05 -38.75 24.25
C LEU D 189 -4.06 -40.10 24.94
N ARG D 190 -2.87 -40.67 25.12
CA ARG D 190 -2.70 -41.97 25.77
C ARG D 190 -3.17 -41.87 27.21
N ASP D 191 -2.87 -40.74 27.83
CA ASP D 191 -3.29 -40.45 29.18
C ASP D 191 -4.79 -40.35 29.31
N LEU D 192 -5.44 -39.76 28.33
CA LEU D 192 -6.90 -39.64 28.36
C LEU D 192 -7.55 -41.02 28.36
N ILE D 193 -6.96 -41.93 27.58
CA ILE D 193 -7.48 -43.26 27.37
C ILE D 193 -7.39 -44.19 28.58
N VAL D 194 -6.27 -44.18 29.28
CA VAL D 194 -6.11 -45.03 30.45
C VAL D 194 -6.99 -44.55 31.61
N ALA D 195 -7.32 -43.28 31.63
CA ALA D 195 -8.05 -42.72 32.75
C ALA D 195 -9.57 -42.87 32.61
N ASP D 196 -10.24 -42.69 33.75
CA ASP D 196 -11.70 -42.78 33.85
C ASP D 196 -12.35 -41.57 33.21
N PRO D 197 -13.37 -41.78 32.38
CA PRO D 197 -14.01 -40.75 31.55
C PRO D 197 -14.51 -39.50 32.29
N ARG D 198 -14.78 -39.60 33.58
CA ARG D 198 -15.20 -38.43 34.34
C ARG D 198 -14.12 -37.86 35.23
N THR D 199 -12.92 -38.39 35.08
CA THR D 199 -11.79 -37.79 35.78
C THR D 199 -11.56 -36.37 35.27
N ARG D 200 -11.39 -35.42 36.19
CA ARG D 200 -11.09 -34.08 35.73
C ARG D 200 -9.68 -34.07 35.22
N VAL D 201 -9.44 -33.19 34.25
CA VAL D 201 -8.16 -33.08 33.61
C VAL D 201 -7.11 -32.70 34.63
N ALA D 202 -7.51 -31.95 35.64
CA ALA D 202 -6.58 -31.37 36.57
C ALA D 202 -5.72 -32.37 37.35
N GLU D 203 -6.08 -33.65 37.36
CA GLU D 203 -5.23 -34.58 38.11
C GLU D 203 -4.51 -35.53 37.18
N ILE D 204 -4.69 -35.33 35.89
CA ILE D 204 -4.05 -36.17 34.90
C ILE D 204 -2.99 -35.33 34.18
N MET D 205 -3.20 -34.02 34.16
CA MET D 205 -2.27 -33.13 33.51
C MET D 205 -0.95 -33.13 34.25
N ASN D 206 0.13 -32.84 33.54
CA ASN D 206 1.45 -32.63 34.11
C ASN D 206 1.71 -31.13 34.26
N PRO D 207 1.77 -30.63 35.48
CA PRO D 207 1.97 -29.20 35.69
C PRO D 207 3.37 -28.64 35.38
N LYS D 208 4.43 -29.43 35.51
CA LYS D 208 5.76 -28.93 35.18
C LYS D 208 6.02 -29.08 33.67
N VAL D 209 5.44 -28.17 32.89
CA VAL D 209 5.52 -28.24 31.45
C VAL D 209 6.85 -27.68 30.97
N VAL D 210 7.49 -28.40 30.06
CA VAL D 210 8.65 -27.86 29.39
C VAL D 210 8.15 -27.12 28.17
N TYR D 211 8.48 -25.83 28.13
CA TYR D 211 7.99 -24.95 27.09
C TYR D 211 9.14 -24.25 26.41
N VAL D 212 8.80 -23.47 25.40
CA VAL D 212 9.77 -22.81 24.56
C VAL D 212 9.24 -21.44 24.15
N ARG D 213 10.14 -20.45 24.08
CA ARG D 213 9.77 -19.09 23.73
C ARG D 213 9.78 -18.90 22.22
N THR D 214 9.08 -17.89 21.73
CA THR D 214 9.04 -17.65 20.29
C THR D 214 10.41 -17.31 19.68
N ASP D 215 11.29 -16.67 20.45
CA ASP D 215 12.67 -16.34 20.06
C ASP D 215 13.71 -17.47 20.34
N THR D 216 13.26 -18.60 20.88
CA THR D 216 14.12 -19.76 21.14
C THR D 216 14.76 -20.30 19.86
N ASP D 217 16.07 -20.55 19.86
CA ASP D 217 16.71 -20.98 18.63
C ASP D 217 16.23 -22.39 18.31
N GLN D 218 16.10 -22.67 17.02
CA GLN D 218 15.64 -23.96 16.55
C GLN D 218 16.52 -25.15 16.98
N GLU D 219 17.83 -24.96 17.05
CA GLU D 219 18.68 -26.07 17.49
C GLU D 219 18.50 -26.28 19.00
N GLU D 220 18.11 -25.23 19.73
CA GLU D 220 17.75 -25.41 21.14
C GLU D 220 16.44 -26.16 21.26
N VAL D 221 15.50 -25.85 20.39
CA VAL D 221 14.30 -26.67 20.24
C VAL D 221 14.65 -28.11 19.88
N ALA D 222 15.69 -28.28 19.08
CA ALA D 222 16.05 -29.62 18.63
C ALA D 222 16.65 -30.38 19.79
N ARG D 223 17.55 -29.74 20.52
CA ARG D 223 18.12 -30.37 21.72
C ARG D 223 17.05 -30.72 22.73
N LEU D 224 16.13 -29.80 22.95
CA LEU D 224 15.13 -29.99 23.99
C LEU D 224 14.25 -31.18 23.63
N MET D 225 14.02 -31.31 22.34
CA MET D 225 13.18 -32.33 21.77
C MET D 225 13.85 -33.71 21.90
N ALA D 226 15.19 -33.73 21.82
CA ALA D 226 15.96 -34.97 21.90
C ALA D 226 16.21 -35.40 23.34
N ASP D 227 16.30 -34.40 24.22
CA ASP D 227 16.55 -34.62 25.65
C ASP D 227 15.33 -35.26 26.29
N TYR D 228 14.19 -34.59 26.14
CA TYR D 228 12.95 -35.06 26.76
C TYR D 228 12.26 -36.12 25.86
N ASP D 229 12.80 -36.32 24.67
CA ASP D 229 12.22 -37.29 23.77
C ASP D 229 10.70 -37.02 23.63
N PHE D 230 10.35 -35.76 23.35
CA PHE D 230 9.01 -35.34 22.88
C PHE D 230 8.96 -35.12 21.35
N THR D 231 7.85 -35.42 20.71
CA THR D 231 7.77 -35.18 19.28
C THR D 231 7.09 -33.86 19.00
N VAL D 232 6.51 -33.27 20.04
CA VAL D 232 5.87 -31.96 19.95
C VAL D 232 6.20 -31.13 21.18
N LEU D 233 6.39 -29.83 20.99
CA LEU D 233 6.77 -28.91 22.06
C LEU D 233 5.96 -27.62 22.00
N PRO D 234 5.45 -27.13 23.17
CA PRO D 234 4.65 -25.90 23.24
C PRO D 234 5.51 -24.62 23.22
N VAL D 235 5.00 -23.57 22.55
CA VAL D 235 5.70 -22.30 22.39
C VAL D 235 4.89 -21.20 23.07
N VAL D 236 5.54 -20.35 23.89
CA VAL D 236 4.78 -19.29 24.58
C VAL D 236 5.27 -17.86 24.34
N ASP D 237 4.39 -16.88 24.56
CA ASP D 237 4.80 -15.49 24.41
C ASP D 237 5.33 -14.92 25.71
N GLU D 238 5.56 -13.61 25.73
CA GLU D 238 6.24 -12.96 26.84
C GLU D 238 5.37 -13.05 28.08
N GLU D 239 4.06 -13.18 27.87
CA GLU D 239 3.12 -13.24 28.96
C GLU D 239 2.84 -14.67 29.41
N GLY D 240 3.62 -15.62 28.90
CA GLY D 240 3.48 -17.03 29.26
C GLY D 240 2.30 -17.73 28.62
N ARG D 241 1.71 -17.09 27.61
CA ARG D 241 0.56 -17.63 26.90
C ARG D 241 0.94 -18.54 25.73
N LEU D 242 0.29 -19.69 25.68
CA LEU D 242 0.49 -20.61 24.59
C LEU D 242 0.08 -19.96 23.30
N VAL D 243 1.03 -19.87 22.37
CA VAL D 243 0.77 -19.25 21.08
C VAL D 243 0.92 -20.26 19.97
N GLY D 244 1.59 -21.37 20.24
CA GLY D 244 1.77 -22.40 19.22
C GLY D 244 2.43 -23.67 19.71
N ILE D 245 2.61 -24.61 18.79
CA ILE D 245 3.39 -25.83 19.02
C ILE D 245 4.40 -26.02 17.84
N VAL D 246 5.57 -26.57 18.15
CA VAL D 246 6.55 -26.93 17.15
C VAL D 246 6.61 -28.45 17.02
N THR D 247 6.32 -29.00 15.84
CA THR D 247 6.36 -30.44 15.74
C THR D 247 7.74 -30.87 15.30
N VAL D 248 8.09 -32.09 15.72
CA VAL D 248 9.40 -32.67 15.52
C VAL D 248 9.73 -32.92 14.03
N ASP D 249 8.72 -33.09 13.19
CA ASP D 249 9.04 -33.32 11.78
C ASP D 249 9.66 -32.07 11.19
N ASP D 250 9.12 -30.92 11.59
CA ASP D 250 9.60 -29.64 11.13
C ASP D 250 10.97 -29.25 11.73
N VAL D 251 11.40 -29.98 12.76
CA VAL D 251 12.74 -29.81 13.32
C VAL D 251 13.82 -30.70 12.66
N LEU D 252 13.45 -31.91 12.26
CA LEU D 252 14.32 -32.78 11.47
C LEU D 252 14.69 -32.11 10.15
N ASP D 253 13.79 -31.29 9.63
CA ASP D 253 14.04 -30.64 8.35
C ASP D 253 15.03 -29.49 8.40
N VAL D 254 15.40 -29.03 9.59
CA VAL D 254 16.54 -28.12 9.67
C VAL D 254 17.80 -28.99 9.69
N LEU D 255 17.56 -30.29 9.92
CA LEU D 255 18.59 -31.31 10.10
C LEU D 255 19.36 -31.04 11.40
#